data_8SZQ
#
_entry.id   8SZQ
#
_cell.length_a   86.010
_cell.length_b   86.010
_cell.length_c   348.850
_cell.angle_alpha   90.000
_cell.angle_beta   90.000
_cell.angle_gamma   90.000
#
_symmetry.space_group_name_H-M   'P 43 21 2'
#
loop_
_entity.id
_entity.type
_entity.pdbx_description
1 polymer 'RNA helicase'
2 non-polymer "ADENOSINE-5'-DIPHOSPHATE"
3 non-polymer 'MAGNESIUM ION'
4 non-polymer 'SULFATE ION'
5 non-polymer 1,2-ETHANEDIOL
6 water water
#
_entity_poly.entity_id   1
_entity_poly.type   'polypeptide(L)'
_entity_poly.pdbx_seq_one_letter_code
;MSRKEEQEVQATLESEEVDLNAGLHGNWTLENAKARLNQYFQKEKIQGEYKYTQVGPDHNRSFIAEMTIYIKQLGRRIFA
REHGSNKKLAAQSCALSLVRQLYHLGVIEAYSGLTKKKEGETVEPYKVNLSQDLEHQLQNVIQELNLEIVPPPEDPFLPV
VLNLGKLAHFEPSQRQNQIGVVPWSPPQSNWNPWTSSNIDEGPLAYATPEQISMDLKNELMYQLEQDHDLQAILQERELL
PVKKFESEILEAISQNSVIIIRGATGCGKTTQVPQFILDDFIQNDRAAECNIVVTQPRRISAVSVAERVAYERGEEPGKS
CGYSVRFESVLPRPHASIMFCTVGVLLRKLEAGIRGISHVIVDEIHERDINTDFLLVVLRDVVQAYPEVRIVLMSATIDT
SMFCEYFFNCPIIEVYGRTYPVQEYFLEDCIQMTHFVPPPKDKKKKEKDDDGFEDDDANCNLICGDEYGPETRMSMAQLN
EKETPFELIEALLKYIETLNVPGAVLVFLPGWNLIYTMQKHLEMNPHFGSHRYQILPLHSQIPREEQRKVFDPVPSGVTK
VILSTNIAETSITINDVVYVIDSCKQKVKLFTAHNNMTNYATVWASKTNLEQRKGRAGRVRPGFCFHLCSRARFERLETH
MTPEMFRTPLHEIALSIKLLRLGGIGQFLAKAIEPPPLDAVIEAEHTLRELDALDANDELTPLGRILAKLPIEPRFGKMM
IMGCIFYVGDAVCTISAATCFPEPFISEGKRLGYVHRNFAGNRFSDHVALLSVFQAWDDARMGGEEAEIRFCEHKRLNMA
TLRMTWEAKVQLKEILINSGFPEDCLLTQVFTNTGPDNNLDVVISLLAFGVYPNVCYHKEKRKILTTEGRNALIHKSSVN
CPFSSQDMKYPSPFFVFGEKIRTRAISAKGMTLVTPLQLLLFASKKVQSDGQIVLVDDWIRLQISHEAAACITALRAAME
ALVVEVTKQPNIISQLDPVNEHMLNMIRQISRPSAAGINLMIDYKDDDDK
;
_entity_poly.pdbx_strand_id   A
#
loop_
_chem_comp.id
_chem_comp.type
_chem_comp.name
_chem_comp.formula
ADP non-polymer ADENOSINE-5'-DIPHOSPHATE 'C10 H15 N5 O10 P2'
EDO non-polymer 1,2-ETHANEDIOL 'C2 H6 O2'
MG non-polymer 'MAGNESIUM ION' 'Mg 2'
SO4 non-polymer 'SULFATE ION' 'O4 S -2'
#
# COMPACT_ATOMS: atom_id res chain seq x y z
N GLU A 121 35.93 -15.07 6.24
CA GLU A 121 35.00 -13.92 6.12
C GLU A 121 33.78 -14.16 7.03
N THR A 122 33.05 -15.25 6.75
CA THR A 122 31.80 -15.54 7.43
C THR A 122 32.11 -16.24 8.77
N VAL A 123 31.04 -16.48 9.54
CA VAL A 123 31.16 -16.97 10.91
C VAL A 123 31.10 -18.50 10.91
N GLU A 124 31.48 -19.09 12.06
CA GLU A 124 31.48 -20.53 12.25
C GLU A 124 30.05 -21.03 12.42
N PRO A 125 29.80 -22.36 12.29
CA PRO A 125 28.46 -22.91 12.49
C PRO A 125 27.95 -22.72 13.92
N TYR A 126 26.68 -22.32 14.03
CA TYR A 126 26.08 -21.99 15.32
C TYR A 126 25.71 -23.27 16.06
N LYS A 127 26.12 -23.35 17.34
CA LYS A 127 25.80 -24.47 18.20
C LYS A 127 24.31 -24.45 18.53
N VAL A 128 23.62 -25.57 18.27
CA VAL A 128 22.20 -25.69 18.55
C VAL A 128 22.02 -26.75 19.63
N ASN A 129 21.83 -26.29 20.87
CA ASN A 129 21.72 -27.18 22.02
C ASN A 129 20.31 -27.73 22.10
N LEU A 130 20.15 -28.96 21.58
CA LEU A 130 18.87 -29.64 21.50
C LEU A 130 18.94 -30.92 22.34
N SER A 131 17.98 -31.08 23.26
CA SER A 131 17.94 -32.23 24.14
C SER A 131 17.58 -33.48 23.35
N GLN A 132 18.03 -34.65 23.84
CA GLN A 132 17.78 -35.92 23.17
C GLN A 132 16.32 -36.34 23.36
N ASP A 133 15.71 -35.90 24.47
CA ASP A 133 14.30 -36.18 24.74
C ASP A 133 13.45 -35.65 23.59
N LEU A 134 13.75 -34.42 23.16
CA LEU A 134 13.01 -33.77 22.09
C LEU A 134 13.44 -34.34 20.74
N GLU A 135 14.73 -34.70 20.62
CA GLU A 135 15.26 -35.27 19.40
C GLU A 135 14.60 -36.61 19.12
N HIS A 136 14.32 -37.38 20.17
CA HIS A 136 13.63 -38.66 20.05
C HIS A 136 12.17 -38.42 19.67
N GLN A 137 11.52 -37.49 20.38
CA GLN A 137 10.12 -37.17 20.14
C GLN A 137 9.89 -36.81 18.67
N LEU A 138 10.79 -36.01 18.11
CA LEU A 138 10.74 -35.66 16.69
C LEU A 138 10.73 -36.91 15.83
N GLN A 139 11.66 -37.83 16.12
CA GLN A 139 11.83 -39.05 15.32
C GLN A 139 10.59 -39.93 15.46
N ASN A 140 9.95 -39.92 16.65
CA ASN A 140 8.77 -40.74 16.90
C ASN A 140 7.58 -40.23 16.08
N VAL A 141 7.44 -38.91 15.99
CA VAL A 141 6.34 -38.30 15.26
C VAL A 141 6.48 -38.59 13.78
N ILE A 142 7.72 -38.49 13.27
CA ILE A 142 8.03 -38.77 11.87
C ILE A 142 7.77 -40.25 11.58
N GLN A 143 8.03 -41.12 12.57
CA GLN A 143 7.68 -42.53 12.47
C GLN A 143 6.17 -42.70 12.40
N GLU A 144 5.45 -42.01 13.30
CA GLU A 144 4.00 -42.13 13.40
C GLU A 144 3.34 -41.70 12.09
N LEU A 145 3.83 -40.60 11.52
CA LEU A 145 3.28 -40.05 10.28
C LEU A 145 3.77 -40.85 9.07
N ASN A 146 4.90 -41.54 9.22
CA ASN A 146 5.46 -42.38 8.17
C ASN A 146 5.91 -41.48 7.02
N LEU A 147 6.72 -40.47 7.35
CA LEU A 147 7.21 -39.51 6.37
C LEU A 147 8.59 -39.97 5.89
N GLU A 148 8.91 -39.63 4.64
CA GLU A 148 10.14 -40.07 4.00
C GLU A 148 11.31 -39.30 4.58
N ILE A 149 12.22 -40.03 5.25
CA ILE A 149 13.38 -39.46 5.91
C ILE A 149 14.57 -39.55 4.95
N VAL A 150 15.17 -38.40 4.62
CA VAL A 150 16.40 -38.38 3.85
C VAL A 150 17.53 -38.86 4.76
N PRO A 151 18.13 -40.05 4.52
CA PRO A 151 19.14 -40.61 5.42
C PRO A 151 20.46 -39.83 5.35
N PRO A 152 21.33 -39.94 6.38
CA PRO A 152 22.63 -39.25 6.37
C PRO A 152 23.55 -39.72 5.25
N PRO A 153 24.56 -38.91 4.85
CA PRO A 153 25.51 -39.32 3.83
C PRO A 153 26.56 -40.28 4.37
N GLU A 154 27.29 -40.94 3.46
CA GLU A 154 28.33 -41.88 3.83
C GLU A 154 29.65 -41.15 4.03
N ASP A 155 30.02 -40.32 3.04
CA ASP A 155 31.19 -39.46 3.15
C ASP A 155 30.71 -38.02 3.36
N PRO A 156 31.42 -37.20 4.19
CA PRO A 156 31.02 -35.82 4.44
C PRO A 156 31.21 -34.83 3.29
N PHE A 157 31.60 -35.32 2.11
CA PHE A 157 31.70 -34.50 0.92
C PHE A 157 30.54 -34.81 -0.03
N LEU A 158 29.39 -35.19 0.55
CA LEU A 158 28.16 -35.43 -0.19
C LEU A 158 27.01 -34.74 0.54
N PRO A 159 26.84 -33.41 0.36
CA PRO A 159 25.74 -32.68 1.01
C PRO A 159 24.38 -33.14 0.48
N VAL A 160 23.64 -33.89 1.32
CA VAL A 160 22.35 -34.43 0.94
C VAL A 160 21.26 -33.41 1.27
N VAL A 161 20.33 -33.23 0.33
CA VAL A 161 19.26 -32.26 0.46
C VAL A 161 18.12 -32.90 1.25
N LEU A 162 17.75 -32.26 2.36
CA LEU A 162 16.75 -32.79 3.28
C LEU A 162 15.35 -32.42 2.81
N ASN A 163 15.25 -31.48 1.86
CA ASN A 163 13.98 -30.95 1.41
C ASN A 163 13.19 -32.02 0.66
N LEU A 164 11.86 -31.93 0.74
CA LEU A 164 10.97 -32.94 0.21
C LEU A 164 9.96 -32.27 -0.73
N GLY A 165 9.07 -33.08 -1.31
CA GLY A 165 8.01 -32.59 -2.18
C GLY A 165 6.82 -32.07 -1.39
N SER A 173 -5.89 -32.08 -9.96
CA SER A 173 -5.76 -30.90 -10.87
C SER A 173 -7.03 -30.75 -11.70
N GLN A 174 -7.33 -29.50 -12.10
CA GLN A 174 -8.48 -29.19 -12.92
C GLN A 174 -8.00 -28.78 -14.32
N ARG A 175 -8.94 -28.77 -15.28
CA ARG A 175 -8.62 -28.52 -16.67
C ARG A 175 -8.49 -27.02 -16.92
N GLN A 176 -7.83 -26.68 -18.04
CA GLN A 176 -7.41 -25.30 -18.31
C GLN A 176 -8.50 -24.57 -19.08
N ASN A 177 -8.48 -23.23 -18.98
CA ASN A 177 -9.43 -22.35 -19.64
C ASN A 177 -8.77 -21.76 -20.89
N GLN A 178 -9.35 -20.67 -21.43
CA GLN A 178 -8.73 -19.95 -22.53
C GLN A 178 -8.95 -18.43 -22.33
N ILE A 179 -10.22 -18.00 -22.32
CA ILE A 179 -10.54 -16.59 -22.11
C ILE A 179 -11.97 -16.46 -21.64
N GLY A 180 -12.27 -15.33 -20.98
CA GLY A 180 -13.62 -15.01 -20.51
C GLY A 180 -13.75 -13.52 -20.21
N VAL A 181 -14.99 -13.02 -20.31
CA VAL A 181 -15.27 -11.60 -20.11
C VAL A 181 -16.06 -11.44 -18.80
N VAL A 182 -15.82 -10.33 -18.10
CA VAL A 182 -16.57 -10.00 -16.90
C VAL A 182 -17.98 -9.59 -17.31
N PRO A 183 -19.04 -10.26 -16.80
CA PRO A 183 -20.41 -9.91 -17.16
C PRO A 183 -20.82 -8.52 -16.69
N TRP A 184 -21.82 -7.93 -17.35
CA TRP A 184 -22.34 -6.63 -16.99
C TRP A 184 -23.86 -6.61 -17.17
N SER A 185 -24.53 -5.80 -16.33
CA SER A 185 -25.96 -5.57 -16.42
C SER A 185 -26.28 -4.17 -15.90
N PRO A 186 -27.28 -3.47 -16.47
CA PRO A 186 -27.60 -2.10 -16.06
C PRO A 186 -28.33 -2.05 -14.71
N PRO A 187 -28.47 -0.86 -14.09
CA PRO A 187 -29.18 -0.73 -12.82
C PRO A 187 -30.67 -1.12 -12.90
N GLN A 188 -31.20 -1.65 -11.80
CA GLN A 188 -32.62 -1.85 -11.63
C GLN A 188 -33.02 -1.49 -10.20
N SER A 189 -34.34 -1.38 -9.97
CA SER A 189 -34.87 -0.70 -8.81
C SER A 189 -34.76 -1.55 -7.54
N ASN A 190 -34.82 -2.88 -7.69
CA ASN A 190 -34.85 -3.78 -6.55
C ASN A 190 -33.47 -4.40 -6.32
N TRP A 191 -32.42 -3.58 -6.48
CA TRP A 191 -31.05 -4.06 -6.42
C TRP A 191 -30.14 -2.96 -5.87
N ASN A 192 -29.39 -3.27 -4.82
CA ASN A 192 -28.39 -2.37 -4.27
C ASN A 192 -27.03 -2.79 -4.82
N PRO A 193 -26.43 -2.00 -5.75
CA PRO A 193 -25.18 -2.41 -6.41
C PRO A 193 -23.93 -2.26 -5.55
N TRP A 194 -24.05 -1.57 -4.41
CA TRP A 194 -22.91 -1.33 -3.53
C TRP A 194 -22.82 -2.44 -2.48
N THR A 195 -23.96 -3.02 -2.10
CA THR A 195 -23.98 -4.14 -1.16
C THR A 195 -24.11 -5.47 -1.90
N SER A 196 -24.33 -5.41 -3.22
CA SER A 196 -24.46 -6.60 -4.05
C SER A 196 -25.51 -7.55 -3.47
N SER A 197 -26.73 -7.03 -3.29
CA SER A 197 -27.82 -7.81 -2.75
C SER A 197 -29.17 -7.18 -3.12
N ASN A 198 -30.24 -7.98 -2.99
CA ASN A 198 -31.59 -7.55 -3.33
C ASN A 198 -32.09 -6.58 -2.25
N ILE A 199 -33.05 -5.74 -2.64
CA ILE A 199 -33.78 -4.90 -1.70
C ILE A 199 -35.16 -5.54 -1.51
N ASP A 200 -35.45 -5.95 -0.27
CA ASP A 200 -36.69 -6.66 0.06
C ASP A 200 -37.42 -5.92 1.19
N GLU A 201 -36.73 -5.78 2.33
CA GLU A 201 -37.32 -5.29 3.57
C GLU A 201 -37.87 -3.88 3.38
N GLY A 202 -37.15 -3.04 2.62
CA GLY A 202 -37.50 -1.64 2.47
C GLY A 202 -38.71 -1.41 1.55
N PRO A 203 -39.20 -0.16 1.43
CA PRO A 203 -40.29 0.17 0.51
C PRO A 203 -39.88 0.31 -0.96
N LEU A 204 -38.57 0.18 -1.23
CA LEU A 204 -38.05 0.32 -2.58
C LEU A 204 -37.92 -1.05 -3.25
N ALA A 205 -38.43 -2.09 -2.59
CA ALA A 205 -38.42 -3.45 -3.13
C ALA A 205 -39.41 -3.56 -4.30
N TYR A 206 -40.55 -2.88 -4.17
CA TYR A 206 -41.60 -2.90 -5.18
C TYR A 206 -41.63 -1.58 -5.95
N ALA A 207 -41.21 -0.48 -5.29
CA ALA A 207 -41.32 0.85 -5.86
C ALA A 207 -40.81 0.86 -7.30
N THR A 208 -41.61 1.46 -8.19
CA THR A 208 -41.32 1.48 -9.61
C THR A 208 -40.25 2.55 -9.88
N PRO A 209 -39.43 2.41 -10.95
CA PRO A 209 -38.42 3.42 -11.29
C PRO A 209 -38.93 4.85 -11.36
N GLU A 210 -40.15 5.03 -11.89
CA GLU A 210 -40.71 6.35 -12.14
C GLU A 210 -40.91 7.08 -10.82
N GLN A 211 -41.46 6.37 -9.82
CA GLN A 211 -41.66 6.92 -8.49
C GLN A 211 -40.34 7.42 -7.93
N ILE A 212 -39.34 6.53 -7.93
CA ILE A 212 -38.02 6.82 -7.38
C ILE A 212 -37.46 8.08 -8.05
N SER A 213 -37.53 8.10 -9.39
CA SER A 213 -36.97 9.19 -10.17
C SER A 213 -37.59 10.53 -9.79
N MET A 214 -38.92 10.55 -9.67
CA MET A 214 -39.66 11.78 -9.43
C MET A 214 -39.43 12.26 -8.00
N ASP A 215 -39.44 11.31 -7.04
CA ASP A 215 -39.22 11.63 -5.64
C ASP A 215 -37.85 12.25 -5.44
N LEU A 216 -36.83 11.68 -6.10
CA LEU A 216 -35.46 12.16 -5.98
C LEU A 216 -35.31 13.52 -6.65
N LYS A 217 -36.01 13.72 -7.78
CA LYS A 217 -36.00 15.00 -8.47
C LYS A 217 -36.61 16.09 -7.58
N ASN A 218 -37.80 15.82 -7.06
CA ASN A 218 -38.53 16.77 -6.22
C ASN A 218 -37.70 17.12 -4.98
N GLU A 219 -37.05 16.11 -4.40
CA GLU A 219 -36.21 16.29 -3.22
C GLU A 219 -35.08 17.28 -3.53
N LEU A 220 -34.45 17.13 -4.70
CA LEU A 220 -33.31 17.94 -5.09
C LEU A 220 -33.74 19.36 -5.40
N MET A 221 -34.84 19.51 -6.15
CA MET A 221 -35.36 20.82 -6.51
C MET A 221 -35.69 21.62 -5.26
N TYR A 222 -36.32 20.97 -4.27
CA TYR A 222 -36.71 21.62 -3.04
C TYR A 222 -35.48 22.08 -2.26
N GLN A 223 -34.41 21.29 -2.31
CA GLN A 223 -33.18 21.58 -1.59
C GLN A 223 -32.53 22.84 -2.15
N LEU A 224 -32.58 23.00 -3.48
CA LEU A 224 -31.92 24.10 -4.18
C LEU A 224 -32.58 25.44 -3.84
N GLU A 225 -33.92 25.45 -3.76
CA GLU A 225 -34.66 26.68 -3.52
C GLU A 225 -34.58 27.09 -2.05
N GLN A 226 -34.35 26.12 -1.15
CA GLN A 226 -34.41 26.36 0.28
C GLN A 226 -33.03 26.74 0.84
N ASP A 227 -31.98 26.05 0.39
CA ASP A 227 -30.67 26.13 1.03
C ASP A 227 -29.82 27.20 0.33
N HIS A 228 -29.54 28.29 1.05
CA HIS A 228 -28.80 29.43 0.50
C HIS A 228 -27.31 29.12 0.42
N ASP A 229 -26.80 28.35 1.39
CA ASP A 229 -25.40 27.95 1.39
C ASP A 229 -25.12 26.99 0.24
N LEU A 230 -26.13 26.20 -0.15
CA LEU A 230 -26.00 25.27 -1.26
C LEU A 230 -25.99 26.03 -2.58
N GLN A 231 -26.80 27.09 -2.67
CA GLN A 231 -26.83 27.95 -3.84
C GLN A 231 -25.46 28.58 -4.07
N ALA A 232 -24.84 29.06 -2.98
CA ALA A 232 -23.54 29.71 -3.05
C ALA A 232 -22.47 28.74 -3.52
N ILE A 233 -22.60 27.47 -3.14
CA ILE A 233 -21.66 26.42 -3.52
C ILE A 233 -21.86 26.07 -5.00
N LEU A 234 -23.11 26.00 -5.45
CA LEU A 234 -23.41 25.71 -6.85
C LEU A 234 -22.88 26.84 -7.75
N GLN A 235 -22.85 28.06 -7.22
CA GLN A 235 -22.37 29.20 -8.00
C GLN A 235 -20.86 29.11 -8.20
N GLU A 236 -20.14 28.53 -7.22
CA GLU A 236 -18.71 28.29 -7.37
C GLU A 236 -18.45 27.20 -8.41
N ARG A 237 -19.36 26.21 -8.47
CA ARG A 237 -19.25 25.10 -9.39
C ARG A 237 -19.35 25.60 -10.84
N GLU A 238 -20.20 26.60 -11.06
CA GLU A 238 -20.52 27.07 -12.40
C GLU A 238 -19.36 27.88 -13.00
N LEU A 239 -18.43 28.33 -12.15
CA LEU A 239 -17.29 29.12 -12.62
C LEU A 239 -16.11 28.22 -12.98
N LEU A 240 -16.22 26.91 -12.71
CA LEU A 240 -15.13 25.97 -12.97
C LEU A 240 -15.00 25.75 -14.47
N PRO A 241 -13.75 25.78 -15.01
CA PRO A 241 -13.51 25.59 -16.45
C PRO A 241 -14.33 24.51 -17.15
N VAL A 242 -14.58 23.40 -16.46
CA VAL A 242 -15.22 22.25 -17.06
C VAL A 242 -16.70 22.55 -17.35
N LYS A 243 -17.27 23.54 -16.64
CA LYS A 243 -18.70 23.84 -16.70
C LYS A 243 -19.17 24.04 -18.14
N LYS A 244 -18.38 24.79 -18.93
CA LYS A 244 -18.80 25.20 -20.26
C LYS A 244 -18.85 24.01 -21.22
N PHE A 245 -18.23 22.88 -20.85
CA PHE A 245 -18.19 21.70 -21.70
C PHE A 245 -19.23 20.66 -21.26
N GLU A 246 -20.12 21.05 -20.33
CA GLU A 246 -21.09 20.13 -19.75
C GLU A 246 -21.91 19.47 -20.86
N SER A 247 -22.45 20.29 -21.78
CA SER A 247 -23.32 19.80 -22.84
C SER A 247 -22.58 18.80 -23.72
N GLU A 248 -21.36 19.16 -24.14
CA GLU A 248 -20.58 18.36 -25.07
C GLU A 248 -20.27 16.99 -24.44
N ILE A 249 -19.80 17.02 -23.18
CA ILE A 249 -19.42 15.82 -22.44
C ILE A 249 -20.60 14.85 -22.37
N LEU A 250 -21.78 15.38 -22.01
CA LEU A 250 -22.96 14.56 -21.80
C LEU A 250 -23.38 13.89 -23.11
N GLU A 251 -23.34 14.64 -24.22
CA GLU A 251 -23.70 14.10 -25.52
C GLU A 251 -22.73 13.00 -25.93
N ALA A 252 -21.42 13.27 -25.72
CA ALA A 252 -20.38 12.31 -26.06
C ALA A 252 -20.63 10.98 -25.35
N ILE A 253 -20.94 11.05 -24.04
CA ILE A 253 -21.15 9.86 -23.23
C ILE A 253 -22.37 9.08 -23.75
N SER A 254 -23.43 9.80 -24.14
CA SER A 254 -24.66 9.18 -24.57
C SER A 254 -24.48 8.47 -25.91
N GLN A 255 -23.60 9.02 -26.77
CA GLN A 255 -23.44 8.54 -28.13
C GLN A 255 -22.42 7.40 -28.22
N ASN A 256 -21.38 7.43 -27.37
CA ASN A 256 -20.26 6.50 -27.49
C ASN A 256 -20.13 5.66 -26.22
N SER A 257 -19.76 4.38 -26.40
CA SER A 257 -19.53 3.45 -25.31
C SER A 257 -18.37 3.90 -24.43
N VAL A 258 -17.31 4.41 -25.07
CA VAL A 258 -16.12 4.87 -24.37
C VAL A 258 -15.82 6.29 -24.84
N ILE A 259 -15.43 7.17 -23.91
CA ILE A 259 -14.88 8.45 -24.25
C ILE A 259 -13.67 8.74 -23.37
N ILE A 260 -12.89 9.75 -23.76
CA ILE A 260 -11.79 10.26 -22.98
C ILE A 260 -12.01 11.76 -22.78
N ILE A 261 -11.98 12.19 -21.51
CA ILE A 261 -12.05 13.61 -21.20
C ILE A 261 -10.65 14.07 -20.82
N ARG A 262 -10.07 14.94 -21.65
CA ARG A 262 -8.71 15.41 -21.49
C ARG A 262 -8.76 16.89 -21.13
N GLY A 263 -7.98 17.28 -20.12
CA GLY A 263 -7.92 18.68 -19.72
C GLY A 263 -6.92 18.92 -18.60
N ALA A 264 -6.57 20.20 -18.39
CA ALA A 264 -5.58 20.58 -17.39
C ALA A 264 -6.11 20.27 -15.99
N THR A 265 -5.18 20.12 -15.05
CA THR A 265 -5.51 19.86 -13.66
C THR A 265 -6.09 21.11 -13.03
N GLY A 266 -7.30 20.98 -12.44
CA GLY A 266 -7.99 22.08 -11.79
C GLY A 266 -9.20 22.56 -12.57
N CYS A 267 -9.48 21.94 -13.71
CA CYS A 267 -10.63 22.29 -14.55
C CYS A 267 -11.91 21.79 -13.89
N GLY A 268 -11.83 20.61 -13.26
CA GLY A 268 -12.95 20.04 -12.52
C GLY A 268 -13.48 18.76 -13.16
N LYS A 269 -12.58 17.89 -13.61
CA LYS A 269 -12.97 16.63 -14.23
C LYS A 269 -13.48 15.67 -13.16
N THR A 270 -12.74 15.56 -12.06
CA THR A 270 -12.98 14.54 -11.05
C THR A 270 -14.28 14.81 -10.29
N THR A 271 -14.47 16.07 -9.88
CA THR A 271 -15.56 16.42 -8.98
C THR A 271 -16.85 16.69 -9.76
N GLN A 272 -16.75 17.21 -10.99
CA GLN A 272 -17.93 17.71 -11.68
C GLN A 272 -18.52 16.66 -12.62
N VAL A 273 -17.69 15.96 -13.39
CA VAL A 273 -18.17 15.11 -14.46
C VAL A 273 -19.18 14.08 -13.92
N PRO A 274 -18.91 13.39 -12.79
CA PRO A 274 -19.87 12.44 -12.23
C PRO A 274 -21.19 13.09 -11.84
N GLN A 275 -21.13 14.33 -11.33
CA GLN A 275 -22.32 15.09 -10.96
C GLN A 275 -23.12 15.45 -12.21
N PHE A 276 -22.43 15.97 -13.24
CA PHE A 276 -23.03 16.29 -14.52
C PHE A 276 -23.86 15.11 -15.02
N ILE A 277 -23.27 13.91 -14.95
CA ILE A 277 -23.91 12.70 -15.45
C ILE A 277 -25.14 12.39 -14.59
N LEU A 278 -24.98 12.48 -13.27
CA LEU A 278 -26.05 12.11 -12.35
C LEU A 278 -27.20 13.11 -12.45
N ASP A 279 -26.87 14.41 -12.44
CA ASP A 279 -27.87 15.47 -12.50
C ASP A 279 -28.61 15.42 -13.84
N ASP A 280 -27.96 14.89 -14.88
CA ASP A 280 -28.61 14.71 -16.17
C ASP A 280 -29.73 13.67 -16.04
N PHE A 281 -29.45 12.55 -15.39
CA PHE A 281 -30.42 11.48 -15.23
C PHE A 281 -31.53 11.90 -14.26
N ILE A 282 -31.16 12.63 -13.21
CA ILE A 282 -32.13 13.13 -12.23
C ILE A 282 -33.13 14.07 -12.92
N GLN A 283 -32.60 15.08 -13.62
CA GLN A 283 -33.40 16.19 -14.10
C GLN A 283 -34.21 15.78 -15.34
N ASN A 284 -33.84 14.64 -15.97
CA ASN A 284 -34.59 14.09 -17.10
C ASN A 284 -35.43 12.90 -16.65
N ASP A 285 -35.73 12.84 -15.34
CA ASP A 285 -36.75 11.94 -14.79
C ASP A 285 -36.34 10.47 -14.99
N ARG A 286 -35.04 10.18 -14.85
CA ARG A 286 -34.55 8.81 -14.97
C ARG A 286 -33.42 8.58 -13.97
N ALA A 287 -33.62 9.07 -12.73
CA ALA A 287 -32.61 9.00 -11.69
C ALA A 287 -32.32 7.55 -11.29
N ALA A 288 -33.31 6.67 -11.47
CA ALA A 288 -33.22 5.28 -11.03
C ALA A 288 -32.30 4.46 -11.94
N GLU A 289 -32.00 4.97 -13.14
CA GLU A 289 -31.20 4.26 -14.12
C GLU A 289 -29.72 4.66 -14.03
N CYS A 290 -29.35 5.41 -12.98
CA CYS A 290 -28.01 5.97 -12.86
C CYS A 290 -27.31 5.42 -11.62
N ASN A 291 -26.21 4.69 -11.87
CA ASN A 291 -25.30 4.25 -10.83
C ASN A 291 -23.88 4.34 -11.37
N ILE A 292 -23.10 5.31 -10.85
CA ILE A 292 -21.77 5.60 -11.36
C ILE A 292 -20.74 4.99 -10.41
N VAL A 293 -19.73 4.32 -11.00
CA VAL A 293 -18.54 3.89 -10.28
C VAL A 293 -17.39 4.78 -10.74
N VAL A 294 -16.62 5.31 -9.78
CA VAL A 294 -15.47 6.15 -10.08
C VAL A 294 -14.25 5.54 -9.39
N THR A 295 -13.21 5.27 -10.17
CA THR A 295 -11.99 4.68 -9.66
C THR A 295 -10.92 5.75 -9.51
N GLN A 296 -10.18 5.70 -8.38
CA GLN A 296 -9.07 6.59 -8.12
C GLN A 296 -7.81 5.76 -7.85
N PRO A 297 -6.62 6.19 -8.33
CA PRO A 297 -5.37 5.51 -8.00
C PRO A 297 -5.04 5.44 -6.51
N ARG A 298 -5.41 6.47 -5.75
CA ARG A 298 -5.01 6.59 -4.35
C ARG A 298 -6.21 6.38 -3.43
N ARG A 299 -5.90 5.97 -2.18
CA ARG A 299 -6.88 5.83 -1.12
C ARG A 299 -7.36 7.21 -0.67
N ILE A 300 -6.41 8.15 -0.52
CA ILE A 300 -6.70 9.49 -0.06
C ILE A 300 -7.65 10.19 -1.02
N SER A 301 -7.52 9.91 -2.33
CA SER A 301 -8.34 10.56 -3.33
C SER A 301 -9.78 10.03 -3.29
N ALA A 302 -9.93 8.71 -3.18
CA ALA A 302 -11.24 8.08 -3.17
C ALA A 302 -12.10 8.63 -2.04
N VAL A 303 -11.48 8.83 -0.87
CA VAL A 303 -12.18 9.29 0.32
C VAL A 303 -12.44 10.79 0.22
N SER A 304 -11.40 11.56 -0.13
CA SER A 304 -11.45 13.01 -0.12
C SER A 304 -12.42 13.52 -1.18
N VAL A 305 -12.38 12.91 -2.37
CA VAL A 305 -13.25 13.31 -3.47
C VAL A 305 -14.70 13.04 -3.08
N ALA A 306 -14.97 11.88 -2.46
CA ALA A 306 -16.31 11.56 -2.01
C ALA A 306 -16.81 12.61 -1.02
N GLU A 307 -15.93 13.02 -0.10
CA GLU A 307 -16.26 14.02 0.90
C GLU A 307 -16.50 15.37 0.23
N ARG A 308 -15.70 15.68 -0.80
CA ARG A 308 -15.80 16.95 -1.50
C ARG A 308 -17.11 17.02 -2.29
N VAL A 309 -17.39 15.97 -3.06
CA VAL A 309 -18.57 15.95 -3.90
C VAL A 309 -19.82 16.01 -3.02
N ALA A 310 -19.83 15.25 -1.92
CA ALA A 310 -20.93 15.26 -0.98
C ALA A 310 -21.21 16.70 -0.50
N TYR A 311 -20.16 17.39 -0.05
CA TYR A 311 -20.25 18.76 0.40
C TYR A 311 -20.81 19.66 -0.70
N GLU A 312 -20.42 19.40 -1.95
CA GLU A 312 -20.89 20.19 -3.09
C GLU A 312 -22.38 19.93 -3.33
N ARG A 313 -22.89 18.80 -2.86
CA ARG A 313 -24.31 18.48 -2.98
C ARG A 313 -25.04 18.70 -1.66
N GLY A 314 -24.36 19.32 -0.68
CA GLY A 314 -24.98 19.67 0.59
C GLY A 314 -25.32 18.44 1.44
N GLU A 315 -24.53 17.38 1.29
CA GLU A 315 -24.73 16.15 2.04
C GLU A 315 -23.44 15.78 2.77
N GLU A 316 -23.53 14.75 3.61
CA GLU A 316 -22.37 14.00 4.05
C GLU A 316 -22.29 12.74 3.18
N PRO A 317 -21.13 12.05 3.11
CA PRO A 317 -21.05 10.75 2.44
C PRO A 317 -22.04 9.77 3.08
N GLY A 318 -22.79 9.05 2.24
CA GLY A 318 -23.81 8.13 2.70
C GLY A 318 -25.11 8.24 1.91
N LYS A 319 -25.36 9.41 1.31
CA LYS A 319 -26.61 9.67 0.60
C LYS A 319 -26.38 9.47 -0.90
N SER A 320 -25.98 10.53 -1.61
CA SER A 320 -25.83 10.47 -3.07
C SER A 320 -24.42 10.03 -3.44
N CYS A 321 -23.44 10.36 -2.59
CA CYS A 321 -22.06 9.95 -2.79
C CYS A 321 -21.60 9.04 -1.67
N GLY A 322 -20.69 8.12 -2.00
CA GLY A 322 -20.05 7.26 -1.02
C GLY A 322 -18.62 6.92 -1.44
N TYR A 323 -17.95 6.10 -0.63
CA TYR A 323 -16.61 5.67 -0.96
C TYR A 323 -16.38 4.25 -0.45
N SER A 324 -15.43 3.55 -1.09
CA SER A 324 -15.10 2.18 -0.73
C SER A 324 -13.63 1.93 -1.04
N VAL A 325 -12.81 1.93 0.01
CA VAL A 325 -11.39 1.64 -0.11
C VAL A 325 -11.11 0.36 0.67
N ARG A 326 -9.83 -0.03 0.75
CA ARG A 326 -9.48 -1.26 1.45
C ARG A 326 -9.68 -1.04 2.95
N PHE A 327 -10.55 -1.85 3.54
CA PHE A 327 -10.78 -1.91 4.98
C PHE A 327 -11.52 -0.67 5.50
N GLU A 328 -12.25 0.03 4.62
CA GLU A 328 -13.06 1.17 5.05
C GLU A 328 -14.00 1.59 3.91
N SER A 329 -15.28 1.78 4.25
CA SER A 329 -16.28 2.17 3.26
C SER A 329 -17.43 2.92 3.92
N VAL A 330 -18.03 3.84 3.16
CA VAL A 330 -19.32 4.43 3.49
C VAL A 330 -20.20 4.32 2.26
N LEU A 331 -21.06 3.29 2.22
CA LEU A 331 -21.83 2.97 1.04
C LEU A 331 -22.92 4.02 0.82
N PRO A 332 -23.10 4.54 -0.42
CA PRO A 332 -24.20 5.46 -0.71
C PRO A 332 -25.51 4.71 -0.91
N ARG A 333 -26.58 5.48 -1.15
CA ARG A 333 -27.91 4.91 -1.32
C ARG A 333 -27.92 4.05 -2.58
N PRO A 334 -28.90 3.12 -2.73
CA PRO A 334 -28.93 2.20 -3.87
C PRO A 334 -29.25 2.83 -5.23
N HIS A 335 -29.88 4.00 -5.24
CA HIS A 335 -30.38 4.62 -6.47
C HIS A 335 -29.74 6.00 -6.65
N ALA A 336 -29.43 6.33 -7.91
CA ALA A 336 -28.96 7.66 -8.28
C ALA A 336 -27.73 8.03 -7.44
N SER A 337 -26.75 7.13 -7.41
CA SER A 337 -25.65 7.23 -6.46
C SER A 337 -24.30 7.09 -7.16
N ILE A 338 -23.29 7.77 -6.58
CA ILE A 338 -21.92 7.73 -7.07
C ILE A 338 -21.04 7.05 -6.02
N MET A 339 -20.22 6.10 -6.46
CA MET A 339 -19.34 5.35 -5.59
C MET A 339 -17.90 5.55 -6.02
N PHE A 340 -17.15 6.36 -5.27
CA PHE A 340 -15.71 6.52 -5.48
C PHE A 340 -14.97 5.39 -4.76
N CYS A 341 -14.04 4.73 -5.45
CA CYS A 341 -13.31 3.63 -4.85
C CYS A 341 -11.90 3.51 -5.45
N THR A 342 -11.06 2.73 -4.77
CA THR A 342 -9.79 2.26 -5.31
C THR A 342 -10.08 1.09 -6.26
N VAL A 343 -9.13 0.83 -7.17
CA VAL A 343 -9.33 -0.15 -8.22
C VAL A 343 -9.35 -1.56 -7.62
N GLY A 344 -8.52 -1.79 -6.60
CA GLY A 344 -8.45 -3.07 -5.92
C GLY A 344 -9.81 -3.52 -5.38
N VAL A 345 -10.55 -2.58 -4.79
CA VAL A 345 -11.87 -2.86 -4.25
C VAL A 345 -12.80 -3.30 -5.37
N LEU A 346 -12.75 -2.59 -6.50
CA LEU A 346 -13.64 -2.86 -7.62
C LEU A 346 -13.37 -4.25 -8.19
N LEU A 347 -12.08 -4.58 -8.37
CA LEU A 347 -11.66 -5.84 -8.97
C LEU A 347 -12.12 -7.02 -8.12
N ARG A 348 -12.09 -6.86 -6.79
CA ARG A 348 -12.47 -7.94 -5.88
C ARG A 348 -13.97 -8.22 -5.97
N LYS A 349 -14.75 -7.23 -6.42
CA LYS A 349 -16.20 -7.36 -6.52
C LYS A 349 -16.61 -7.93 -7.88
N LEU A 350 -15.68 -8.00 -8.84
CA LEU A 350 -16.03 -8.27 -10.23
C LEU A 350 -16.23 -9.77 -10.47
N GLU A 351 -15.87 -10.63 -9.51
CA GLU A 351 -16.06 -12.06 -9.68
C GLU A 351 -17.55 -12.36 -9.78
N ALA A 352 -18.37 -11.51 -9.13
CA ALA A 352 -19.81 -11.52 -9.30
C ALA A 352 -20.17 -10.87 -10.64
N GLY A 353 -19.50 -9.76 -10.95
CA GLY A 353 -19.71 -9.03 -12.19
C GLY A 353 -19.88 -7.54 -11.92
N ILE A 354 -20.01 -6.75 -13.00
CA ILE A 354 -20.35 -5.34 -12.88
C ILE A 354 -21.87 -5.23 -12.92
N ARG A 355 -22.51 -5.58 -11.80
CA ARG A 355 -23.96 -5.74 -11.74
C ARG A 355 -24.61 -4.44 -11.28
N GLY A 356 -25.46 -3.86 -12.14
CA GLY A 356 -26.31 -2.74 -11.78
C GLY A 356 -25.58 -1.40 -11.82
N ILE A 357 -24.75 -1.20 -12.85
CA ILE A 357 -23.94 -0.01 -13.01
C ILE A 357 -24.16 0.54 -14.41
N SER A 358 -24.37 1.85 -14.52
CA SER A 358 -24.63 2.51 -15.79
C SER A 358 -23.34 3.08 -16.37
N HIS A 359 -22.49 3.64 -15.51
CA HIS A 359 -21.27 4.30 -15.94
C HIS A 359 -20.09 3.82 -15.09
N VAL A 360 -18.93 3.66 -15.74
CA VAL A 360 -17.67 3.40 -15.06
C VAL A 360 -16.70 4.50 -15.44
N ILE A 361 -16.31 5.33 -14.46
CA ILE A 361 -15.37 6.41 -14.70
C ILE A 361 -14.00 6.00 -14.16
N VAL A 362 -13.02 5.91 -15.06
CA VAL A 362 -11.64 5.64 -14.68
C VAL A 362 -10.89 6.96 -14.71
N ASP A 363 -10.42 7.41 -13.53
CA ASP A 363 -9.88 8.75 -13.39
C ASP A 363 -8.36 8.67 -13.24
N GLU A 364 -7.68 9.74 -13.68
CA GLU A 364 -6.25 9.93 -13.49
C GLU A 364 -5.47 8.80 -14.18
N ILE A 365 -5.88 8.45 -15.41
CA ILE A 365 -5.29 7.34 -16.15
C ILE A 365 -3.84 7.64 -16.50
N HIS A 366 -3.50 8.92 -16.62
CA HIS A 366 -2.17 9.35 -17.03
C HIS A 366 -1.11 8.97 -15.99
N GLU A 367 -1.53 8.70 -14.74
CA GLU A 367 -0.60 8.34 -13.68
C GLU A 367 -0.06 6.93 -13.89
N ARG A 368 -0.81 6.09 -14.62
CA ARG A 368 -0.39 4.74 -14.97
C ARG A 368 -0.21 3.91 -13.71
N ASP A 369 -1.21 3.97 -12.83
CA ASP A 369 -1.34 3.05 -11.72
C ASP A 369 -1.54 1.65 -12.31
N ILE A 370 -0.80 0.66 -11.79
CA ILE A 370 -0.79 -0.66 -12.40
C ILE A 370 -2.19 -1.28 -12.36
N ASN A 371 -2.92 -1.06 -11.25
CA ASN A 371 -4.25 -1.63 -11.12
C ASN A 371 -5.21 -0.96 -12.10
N THR A 372 -5.01 0.33 -12.35
CA THR A 372 -5.81 1.06 -13.33
C THR A 372 -5.55 0.48 -14.72
N ASP A 373 -4.26 0.40 -15.12
CA ASP A 373 -3.88 -0.20 -16.40
C ASP A 373 -4.54 -1.58 -16.56
N PHE A 374 -4.49 -2.37 -15.47
CA PHE A 374 -5.08 -3.70 -15.47
C PHE A 374 -6.58 -3.64 -15.71
N LEU A 375 -7.25 -2.67 -15.08
CA LEU A 375 -8.70 -2.54 -15.18
C LEU A 375 -9.11 -2.22 -16.62
N LEU A 376 -8.31 -1.37 -17.29
CA LEU A 376 -8.60 -0.96 -18.66
C LEU A 376 -8.65 -2.18 -19.58
N VAL A 377 -7.83 -3.20 -19.28
CA VAL A 377 -7.80 -4.42 -20.05
C VAL A 377 -9.15 -5.11 -19.90
N VAL A 378 -9.64 -5.19 -18.65
CA VAL A 378 -10.89 -5.85 -18.34
C VAL A 378 -12.04 -5.10 -19.00
N LEU A 379 -12.04 -3.76 -18.84
CA LEU A 379 -13.12 -2.92 -19.32
C LEU A 379 -13.21 -2.95 -20.85
N ARG A 380 -12.06 -3.09 -21.54
CA ARG A 380 -12.07 -3.13 -23.00
C ARG A 380 -12.81 -4.37 -23.48
N ASP A 381 -12.63 -5.50 -22.79
CA ASP A 381 -13.33 -6.73 -23.12
C ASP A 381 -14.83 -6.55 -22.86
N VAL A 382 -15.18 -5.77 -21.83
CA VAL A 382 -16.56 -5.56 -21.42
C VAL A 382 -17.31 -4.77 -22.49
N VAL A 383 -16.69 -3.71 -23.03
CA VAL A 383 -17.39 -2.79 -23.92
C VAL A 383 -17.67 -3.45 -25.28
N GLN A 384 -16.88 -4.47 -25.64
CA GLN A 384 -17.13 -5.25 -26.85
C GLN A 384 -18.39 -6.09 -26.66
N ALA A 385 -18.44 -6.85 -25.57
CA ALA A 385 -19.51 -7.82 -25.34
C ALA A 385 -20.76 -7.14 -24.80
N TYR A 386 -20.61 -5.95 -24.20
CA TYR A 386 -21.70 -5.26 -23.53
C TYR A 386 -21.63 -3.76 -23.86
N PRO A 387 -21.89 -3.36 -25.12
CA PRO A 387 -21.68 -1.97 -25.54
C PRO A 387 -22.65 -0.93 -24.96
N GLU A 388 -23.63 -1.38 -24.17
CA GLU A 388 -24.58 -0.47 -23.54
C GLU A 388 -23.91 0.26 -22.36
N VAL A 389 -22.91 -0.37 -21.75
CA VAL A 389 -22.20 0.24 -20.63
C VAL A 389 -21.51 1.50 -21.13
N ARG A 390 -21.29 2.46 -20.22
CA ARG A 390 -20.55 3.66 -20.53
C ARG A 390 -19.25 3.66 -19.71
N ILE A 391 -18.13 3.81 -20.42
CA ILE A 391 -16.82 4.00 -19.81
C ILE A 391 -16.38 5.43 -20.09
N VAL A 392 -15.85 6.10 -19.07
CA VAL A 392 -15.30 7.44 -19.23
C VAL A 392 -13.90 7.45 -18.63
N LEU A 393 -12.90 7.67 -19.50
CA LEU A 393 -11.52 7.80 -19.06
C LEU A 393 -11.20 9.28 -18.96
N MET A 394 -10.51 9.69 -17.88
CA MET A 394 -10.27 11.10 -17.62
C MET A 394 -8.78 11.31 -17.37
N SER A 395 -8.19 12.30 -18.04
CA SER A 395 -6.74 12.40 -18.17
C SER A 395 -6.29 13.85 -18.14
N ALA A 396 -5.02 14.04 -17.75
CA ALA A 396 -4.38 15.35 -17.74
C ALA A 396 -3.91 15.68 -19.16
N THR A 397 -3.19 16.79 -19.30
CA THR A 397 -2.66 17.22 -20.59
C THR A 397 -1.46 16.35 -20.96
N ILE A 398 -1.74 15.18 -21.54
CA ILE A 398 -0.72 14.31 -22.09
C ILE A 398 -1.21 13.78 -23.43
N ASP A 399 -0.31 13.10 -24.15
CA ASP A 399 -0.66 12.43 -25.39
C ASP A 399 -1.48 11.19 -25.06
N THR A 400 -2.76 11.20 -25.44
CA THR A 400 -3.70 10.14 -25.10
C THR A 400 -3.94 9.23 -26.31
N SER A 401 -3.03 9.25 -27.28
CA SER A 401 -3.12 8.39 -28.46
C SER A 401 -3.28 6.94 -28.03
N MET A 402 -2.38 6.49 -27.15
CA MET A 402 -2.36 5.12 -26.64
C MET A 402 -3.77 4.67 -26.24
N PHE A 403 -4.41 5.45 -25.37
CA PHE A 403 -5.68 5.06 -24.78
C PHE A 403 -6.78 5.11 -25.83
N CYS A 404 -6.78 6.16 -26.64
CA CYS A 404 -7.74 6.31 -27.73
C CYS A 404 -7.66 5.09 -28.66
N GLU A 405 -6.46 4.79 -29.15
CA GLU A 405 -6.23 3.68 -30.06
C GLU A 405 -6.65 2.35 -29.42
N TYR A 406 -6.41 2.23 -28.12
CA TYR A 406 -6.73 1.02 -27.38
C TYR A 406 -8.24 0.78 -27.35
N PHE A 407 -9.00 1.86 -27.15
CA PHE A 407 -10.46 1.78 -27.06
C PHE A 407 -11.09 2.18 -28.38
N PHE A 408 -10.64 1.53 -29.47
CA PHE A 408 -11.32 1.54 -30.76
C PHE A 408 -11.49 2.98 -31.27
N ASN A 409 -10.43 3.78 -31.16
CA ASN A 409 -10.44 5.16 -31.59
C ASN A 409 -11.70 5.86 -31.06
N CYS A 410 -11.76 6.00 -29.74
CA CYS A 410 -12.88 6.67 -29.07
C CYS A 410 -12.70 8.17 -29.17
N PRO A 411 -13.77 8.98 -28.96
CA PRO A 411 -13.64 10.44 -28.96
C PRO A 411 -12.78 10.97 -27.82
N ILE A 412 -12.17 12.13 -28.05
CA ILE A 412 -11.44 12.86 -27.02
C ILE A 412 -12.09 14.23 -26.84
N ILE A 413 -12.67 14.47 -25.66
CA ILE A 413 -13.29 15.74 -25.34
C ILE A 413 -12.27 16.61 -24.62
N GLU A 414 -11.92 17.75 -25.22
CA GLU A 414 -10.91 18.64 -24.69
C GLU A 414 -11.53 19.60 -23.69
N VAL A 415 -10.82 19.86 -22.58
CA VAL A 415 -11.28 20.75 -21.53
C VAL A 415 -10.13 21.68 -21.16
N TYR A 416 -10.43 22.99 -21.11
CA TYR A 416 -9.44 24.03 -20.92
C TYR A 416 -10.08 25.24 -20.24
N GLY A 417 -9.24 26.10 -19.66
CA GLY A 417 -9.70 27.30 -18.98
C GLY A 417 -8.59 28.32 -18.80
N ARG A 418 -8.74 29.17 -17.77
CA ARG A 418 -7.82 30.25 -17.51
C ARG A 418 -6.43 29.69 -17.19
N THR A 419 -5.42 30.17 -17.91
CA THR A 419 -4.03 29.81 -17.66
C THR A 419 -3.17 31.08 -17.74
N TYR A 420 -2.17 31.18 -16.86
CA TYR A 420 -1.23 32.28 -16.87
C TYR A 420 0.16 31.75 -17.19
N PRO A 421 1.03 32.56 -17.84
CA PRO A 421 2.41 32.14 -18.12
C PRO A 421 3.24 32.08 -16.83
N VAL A 422 3.98 30.98 -16.66
CA VAL A 422 4.81 30.79 -15.48
C VAL A 422 6.28 30.88 -15.90
N GLN A 423 7.04 31.69 -15.16
CA GLN A 423 8.47 31.85 -15.39
C GLN A 423 9.21 30.69 -14.72
N GLU A 424 10.01 29.97 -15.52
CA GLU A 424 10.76 28.82 -15.01
C GLU A 424 12.16 29.26 -14.61
N TYR A 425 12.66 28.67 -13.50
CA TYR A 425 14.03 28.87 -13.06
C TYR A 425 14.63 27.51 -12.70
N PHE A 426 15.96 27.41 -12.80
CA PHE A 426 16.69 26.20 -12.48
C PHE A 426 17.74 26.51 -11.43
N LEU A 427 18.44 25.47 -10.95
CA LEU A 427 19.32 25.57 -9.80
C LEU A 427 20.37 26.66 -9.98
N GLU A 428 20.79 26.91 -11.22
CA GLU A 428 21.70 28.01 -11.52
C GLU A 428 21.05 29.34 -11.16
N ASP A 429 19.81 29.52 -11.59
CA ASP A 429 19.08 30.77 -11.41
C ASP A 429 18.79 30.99 -9.92
N CYS A 430 18.32 29.94 -9.25
CA CYS A 430 17.91 30.02 -7.85
C CYS A 430 19.07 30.44 -6.96
N ILE A 431 20.25 29.84 -7.17
CA ILE A 431 21.44 30.12 -6.39
C ILE A 431 21.86 31.58 -6.58
N GLN A 432 21.70 32.10 -7.81
CA GLN A 432 22.22 33.41 -8.17
C GLN A 432 21.38 34.52 -7.57
N MET A 433 20.04 34.38 -7.62
CA MET A 433 19.15 35.45 -7.18
C MET A 433 18.98 35.42 -5.67
N THR A 434 19.38 34.32 -5.02
CA THR A 434 19.36 34.22 -3.57
C THR A 434 20.75 34.50 -2.99
N HIS A 435 21.77 34.54 -3.85
CA HIS A 435 23.16 34.71 -3.43
C HIS A 435 23.55 33.60 -2.45
N PHE A 436 22.99 32.40 -2.69
CA PHE A 436 23.11 31.29 -1.75
C PHE A 436 24.51 30.69 -1.81
N VAL A 437 25.01 30.27 -0.64
CA VAL A 437 26.30 29.59 -0.53
C VAL A 437 26.11 28.41 0.40
N PRO A 438 26.36 27.15 -0.05
CA PRO A 438 26.19 25.98 0.82
C PRO A 438 27.40 25.70 1.70
N PRO A 439 27.29 24.78 2.68
CA PRO A 439 28.44 24.33 3.48
C PRO A 439 29.43 23.50 2.65
N PRO A 440 30.61 23.15 3.21
CA PRO A 440 31.58 22.30 2.50
C PRO A 440 31.15 20.83 2.47
N ASP A 457 25.04 8.23 -12.91
CA ASP A 457 25.14 9.40 -13.83
C ASP A 457 26.30 10.30 -13.41
N ALA A 458 26.76 11.13 -14.35
CA ALA A 458 27.74 12.16 -14.06
C ALA A 458 27.04 13.30 -13.33
N ASN A 459 27.83 14.08 -12.56
CA ASN A 459 27.31 15.17 -11.76
C ASN A 459 27.04 16.37 -12.67
N CYS A 460 25.76 16.74 -12.78
CA CYS A 460 25.32 17.83 -13.65
C CYS A 460 25.39 19.18 -12.92
N ASN A 461 25.78 19.15 -11.64
CA ASN A 461 26.03 20.37 -10.89
C ASN A 461 27.43 20.92 -11.22
N LEU A 462 28.29 20.04 -11.75
CA LEU A 462 29.60 20.45 -12.23
C LEU A 462 29.44 21.21 -13.55
N ILE A 463 28.52 20.75 -14.40
CA ILE A 463 28.24 21.41 -15.67
C ILE A 463 27.40 22.65 -15.38
N CYS A 464 27.77 23.76 -16.03
CA CYS A 464 27.09 25.04 -15.85
C CYS A 464 27.57 26.02 -16.91
N GLY A 465 26.63 26.64 -17.63
CA GLY A 465 26.96 27.58 -18.69
C GLY A 465 27.77 28.77 -18.17
N ASP A 466 28.49 29.44 -19.08
CA ASP A 466 29.38 30.53 -18.72
C ASP A 466 28.70 31.87 -19.01
N GLU A 467 27.39 31.95 -18.76
CA GLU A 467 26.68 33.22 -18.67
C GLU A 467 26.17 33.40 -17.24
N TYR A 468 26.89 32.79 -16.29
CA TYR A 468 26.59 32.90 -14.87
C TYR A 468 27.86 33.31 -14.13
N GLY A 469 27.71 33.70 -12.85
CA GLY A 469 28.82 34.16 -12.04
C GLY A 469 29.74 33.02 -11.65
N PRO A 470 31.04 33.28 -11.38
CA PRO A 470 31.96 32.27 -10.85
C PRO A 470 31.51 31.67 -9.52
N GLU A 471 30.79 32.46 -8.72
CA GLU A 471 30.28 32.02 -7.43
C GLU A 471 29.14 31.02 -7.64
N THR A 472 28.34 31.21 -8.69
CA THR A 472 27.21 30.34 -9.00
C THR A 472 27.72 28.94 -9.33
N ARG A 473 28.70 28.86 -10.25
CA ARG A 473 29.34 27.61 -10.61
C ARG A 473 29.94 26.95 -9.37
N MET A 474 30.71 27.74 -8.59
CA MET A 474 31.47 27.22 -7.46
C MET A 474 30.50 26.73 -6.39
N SER A 475 29.42 27.49 -6.16
CA SER A 475 28.43 27.15 -5.14
C SER A 475 27.65 25.89 -5.55
N MET A 476 27.14 25.89 -6.78
CA MET A 476 26.32 24.80 -7.28
C MET A 476 27.14 23.50 -7.27
N ALA A 477 28.44 23.59 -7.58
CA ALA A 477 29.30 22.44 -7.69
C ALA A 477 29.49 21.74 -6.35
N GLN A 478 29.15 22.42 -5.24
CA GLN A 478 29.29 21.86 -3.90
C GLN A 478 28.04 21.06 -3.51
N LEU A 479 26.95 21.23 -4.26
CA LEU A 479 25.68 20.59 -3.94
C LEU A 479 25.67 19.16 -4.50
N ASN A 480 25.27 18.21 -3.64
CA ASN A 480 25.02 16.84 -4.05
C ASN A 480 23.62 16.75 -4.66
N GLU A 481 23.52 16.11 -5.82
CA GLU A 481 22.23 15.95 -6.51
C GLU A 481 21.37 14.93 -5.80
N LYS A 482 22.00 13.96 -5.12
CA LYS A 482 21.28 12.87 -4.46
C LYS A 482 20.61 13.39 -3.20
N GLU A 483 21.04 14.56 -2.73
CA GLU A 483 20.35 15.29 -1.67
C GLU A 483 19.54 16.43 -2.29
N THR A 484 18.60 16.99 -1.51
CA THR A 484 17.88 18.19 -1.88
C THR A 484 18.35 19.34 -1.00
N PRO A 485 18.59 20.55 -1.56
CA PRO A 485 19.12 21.67 -0.79
C PRO A 485 18.05 22.36 0.04
N PHE A 486 17.93 21.97 1.31
CA PHE A 486 16.93 22.50 2.22
C PHE A 486 17.17 23.99 2.46
N GLU A 487 18.44 24.38 2.58
CA GLU A 487 18.81 25.74 2.91
C GLU A 487 18.52 26.67 1.72
N LEU A 488 18.60 26.13 0.49
CA LEU A 488 18.28 26.89 -0.69
C LEU A 488 16.79 27.17 -0.75
N ILE A 489 15.97 26.20 -0.29
CA ILE A 489 14.53 26.38 -0.25
C ILE A 489 14.19 27.49 0.73
N GLU A 490 14.84 27.47 1.91
CA GLU A 490 14.69 28.51 2.92
C GLU A 490 15.01 29.88 2.31
N ALA A 491 16.06 29.94 1.49
CA ALA A 491 16.46 31.17 0.83
C ALA A 491 15.43 31.59 -0.21
N LEU A 492 14.87 30.61 -0.93
CA LEU A 492 13.90 30.87 -1.97
C LEU A 492 12.62 31.45 -1.36
N LEU A 493 12.23 30.95 -0.19
CA LEU A 493 11.06 31.47 0.52
C LEU A 493 11.27 32.95 0.83
N LYS A 494 12.48 33.30 1.29
CA LYS A 494 12.82 34.66 1.67
C LYS A 494 12.87 35.56 0.43
N TYR A 495 13.30 35.00 -0.71
CA TYR A 495 13.34 35.76 -1.96
C TYR A 495 11.93 36.06 -2.46
N ILE A 496 11.01 35.11 -2.24
CA ILE A 496 9.67 35.20 -2.78
C ILE A 496 8.95 36.43 -2.21
N GLU A 497 9.23 36.76 -0.94
CA GLU A 497 8.51 37.82 -0.24
C GLU A 497 9.14 39.19 -0.52
N THR A 498 10.26 39.23 -1.26
CA THR A 498 10.81 40.49 -1.74
C THR A 498 10.14 40.92 -3.05
N LEU A 499 9.37 40.01 -3.65
CA LEU A 499 8.68 40.29 -4.90
C LEU A 499 7.43 41.12 -4.65
N ASN A 500 6.90 41.05 -3.42
CA ASN A 500 5.75 41.84 -2.99
C ASN A 500 4.56 41.53 -3.88
N VAL A 501 4.26 40.23 -4.04
CA VAL A 501 3.03 39.78 -4.65
C VAL A 501 2.52 38.58 -3.82
N PRO A 502 1.45 38.76 -3.02
CA PRO A 502 1.01 37.72 -2.08
C PRO A 502 0.42 36.50 -2.78
N GLY A 503 0.78 35.32 -2.26
CA GLY A 503 0.36 34.05 -2.84
C GLY A 503 1.04 32.87 -2.14
N ALA A 504 0.41 31.70 -2.22
CA ALA A 504 0.91 30.51 -1.54
C ALA A 504 2.09 29.92 -2.31
N VAL A 505 2.93 29.18 -1.57
CA VAL A 505 4.10 28.51 -2.11
C VAL A 505 3.89 27.01 -1.98
N LEU A 506 3.87 26.30 -3.11
CA LEU A 506 3.74 24.85 -3.11
C LEU A 506 5.11 24.22 -3.35
N VAL A 507 5.60 23.46 -2.36
CA VAL A 507 6.92 22.86 -2.43
C VAL A 507 6.76 21.36 -2.64
N PHE A 508 7.25 20.87 -3.79
CA PHE A 508 7.23 19.45 -4.12
C PHE A 508 8.44 18.75 -3.53
N LEU A 509 8.19 17.77 -2.65
CA LEU A 509 9.23 16.95 -2.06
C LEU A 509 8.82 15.48 -2.20
N PRO A 510 9.79 14.54 -2.32
CA PRO A 510 9.49 13.14 -2.62
C PRO A 510 8.60 12.46 -1.57
N GLY A 511 9.03 12.44 -0.32
CA GLY A 511 8.36 11.66 0.71
C GLY A 511 8.17 12.43 2.02
N TRP A 512 7.51 11.77 2.97
CA TRP A 512 7.18 12.34 4.27
C TRP A 512 8.44 12.71 5.05
N ASN A 513 9.53 11.98 4.83
CA ASN A 513 10.78 12.20 5.53
C ASN A 513 11.35 13.58 5.19
N LEU A 514 11.43 13.90 3.89
CA LEU A 514 12.02 15.15 3.45
C LEU A 514 11.05 16.31 3.69
N ILE A 515 9.75 16.02 3.81
CA ILE A 515 8.77 17.00 4.21
C ILE A 515 8.97 17.34 5.69
N TYR A 516 9.13 16.29 6.51
CA TYR A 516 9.34 16.43 7.94
C TYR A 516 10.65 17.18 8.21
N THR A 517 11.70 16.80 7.47
CA THR A 517 13.02 17.39 7.64
C THR A 517 13.00 18.87 7.26
N MET A 518 12.26 19.19 6.19
CA MET A 518 12.13 20.57 5.72
C MET A 518 11.29 21.36 6.72
N GLN A 519 10.27 20.71 7.30
CA GLN A 519 9.34 21.36 8.21
C GLN A 519 10.06 21.71 9.51
N LYS A 520 10.81 20.75 10.06
CA LYS A 520 11.59 20.96 11.27
C LYS A 520 12.61 22.08 11.06
N HIS A 521 13.25 22.08 9.88
CA HIS A 521 14.27 23.08 9.55
C HIS A 521 13.69 24.48 9.67
N LEU A 522 12.47 24.69 9.15
CA LEU A 522 11.86 26.00 9.11
C LEU A 522 11.46 26.47 10.51
N GLU A 523 10.85 25.58 11.30
CA GLU A 523 10.29 25.95 12.60
C GLU A 523 11.40 26.19 13.61
N MET A 524 12.64 25.76 13.29
CA MET A 524 13.81 26.13 14.07
C MET A 524 14.02 27.65 14.01
N ASN A 525 13.92 28.19 12.79
CA ASN A 525 14.08 29.62 12.56
C ASN A 525 12.80 30.34 13.00
N PRO A 526 12.89 31.37 13.88
CA PRO A 526 11.71 32.14 14.30
C PRO A 526 10.98 32.90 13.20
N HIS A 527 11.69 33.22 12.11
CA HIS A 527 11.12 34.00 11.00
C HIS A 527 9.92 33.27 10.40
N PHE A 528 10.00 31.94 10.31
CA PHE A 528 8.95 31.11 9.73
C PHE A 528 7.98 30.67 10.84
N GLY A 529 7.41 31.65 11.53
CA GLY A 529 6.52 31.40 12.66
C GLY A 529 5.07 31.72 12.31
N SER A 530 4.21 31.70 13.34
CA SER A 530 2.76 31.83 13.17
C SER A 530 2.39 33.20 12.61
N HIS A 531 3.18 34.23 12.94
CA HIS A 531 2.88 35.60 12.56
C HIS A 531 3.04 35.81 11.06
N ARG A 532 3.95 35.04 10.42
CA ARG A 532 4.34 35.30 9.04
C ARG A 532 3.97 34.12 8.14
N TYR A 533 4.14 32.88 8.63
CA TYR A 533 4.04 31.70 7.78
C TYR A 533 3.02 30.70 8.32
N GLN A 534 2.32 30.04 7.39
CA GLN A 534 1.49 28.88 7.69
C GLN A 534 2.01 27.70 6.88
N ILE A 535 2.85 26.87 7.51
CA ILE A 535 3.51 25.75 6.88
C ILE A 535 2.68 24.48 7.11
N LEU A 536 2.12 23.94 6.03
CA LEU A 536 1.20 22.81 6.11
C LEU A 536 1.76 21.63 5.30
N PRO A 537 1.98 20.45 5.93
CA PRO A 537 2.42 19.27 5.19
C PRO A 537 1.25 18.58 4.49
N LEU A 538 1.54 17.97 3.33
CA LEU A 538 0.53 17.22 2.60
C LEU A 538 1.14 15.91 2.10
N HIS A 539 0.83 14.81 2.79
CA HIS A 539 1.17 13.48 2.33
C HIS A 539 0.05 12.52 2.73
N SER A 540 0.22 11.24 2.40
CA SER A 540 -0.84 10.25 2.55
C SER A 540 -1.12 9.96 4.02
N GLN A 541 -0.07 10.01 4.87
CA GLN A 541 -0.16 9.50 6.22
C GLN A 541 -0.34 10.63 7.23
N ILE A 542 -1.31 11.52 6.98
CA ILE A 542 -1.78 12.47 7.97
C ILE A 542 -3.31 12.48 7.94
N PRO A 543 -3.99 12.84 9.05
CA PRO A 543 -5.46 12.83 9.10
C PRO A 543 -6.06 13.83 8.13
N ARG A 544 -7.27 13.53 7.64
CA ARG A 544 -7.96 14.39 6.68
C ARG A 544 -8.33 15.71 7.33
N GLU A 545 -8.34 15.74 8.67
CA GLU A 545 -8.44 16.98 9.44
C GLU A 545 -7.43 17.99 8.90
N GLU A 546 -6.15 17.57 8.84
CA GLU A 546 -5.05 18.46 8.51
C GLU A 546 -4.91 18.61 7.00
N GLN A 547 -5.39 17.63 6.23
CA GLN A 547 -5.28 17.64 4.78
C GLN A 547 -6.17 18.71 4.18
N ARG A 548 -7.34 18.94 4.79
CA ARG A 548 -8.29 19.92 4.29
C ARG A 548 -7.84 21.34 4.61
N LYS A 549 -6.86 21.49 5.51
CA LYS A 549 -6.36 22.81 5.89
C LYS A 549 -5.57 23.47 4.76
N VAL A 550 -5.15 22.68 3.75
CA VAL A 550 -4.33 23.20 2.67
C VAL A 550 -5.17 24.12 1.78
N PHE A 551 -6.48 23.83 1.69
CA PHE A 551 -7.40 24.58 0.84
C PHE A 551 -7.89 25.85 1.56
N ASP A 552 -7.81 25.86 2.90
CA ASP A 552 -8.29 26.98 3.70
C ASP A 552 -7.51 28.24 3.36
N PRO A 553 -8.15 29.43 3.41
CA PRO A 553 -7.43 30.70 3.25
C PRO A 553 -6.69 31.09 4.52
N VAL A 554 -5.87 32.14 4.41
CA VAL A 554 -5.05 32.61 5.53
C VAL A 554 -5.23 34.12 5.65
N PRO A 555 -4.95 34.71 6.84
CA PRO A 555 -4.96 36.17 7.00
C PRO A 555 -3.88 36.84 6.17
N SER A 556 -4.22 37.95 5.52
CA SER A 556 -3.28 38.68 4.67
C SER A 556 -2.09 39.13 5.51
N GLY A 557 -0.88 38.96 4.95
CA GLY A 557 0.35 39.14 5.70
C GLY A 557 1.04 37.81 5.96
N VAL A 558 0.23 36.75 6.19
CA VAL A 558 0.74 35.40 6.33
C VAL A 558 0.79 34.75 4.95
N THR A 559 1.84 33.95 4.72
CA THR A 559 2.02 33.25 3.45
C THR A 559 1.90 31.75 3.70
N LYS A 560 1.12 31.07 2.84
CA LYS A 560 0.83 29.65 2.98
C LYS A 560 1.87 28.84 2.21
N VAL A 561 2.61 27.99 2.92
CA VAL A 561 3.59 27.11 2.29
C VAL A 561 3.12 25.66 2.46
N ILE A 562 2.96 24.96 1.33
CA ILE A 562 2.55 23.56 1.35
C ILE A 562 3.75 22.69 1.00
N LEU A 563 4.14 21.81 1.93
CA LEU A 563 5.18 20.82 1.70
C LEU A 563 4.51 19.51 1.27
N SER A 564 4.47 19.28 -0.05
CA SER A 564 3.58 18.27 -0.63
C SER A 564 4.38 17.17 -1.32
N THR A 565 3.74 16.00 -1.45
CA THR A 565 4.20 14.94 -2.34
C THR A 565 3.61 15.18 -3.72
N ASN A 566 3.63 14.16 -4.59
CA ASN A 566 3.16 14.30 -5.96
C ASN A 566 1.64 14.23 -6.02
N ILE A 567 0.97 14.14 -4.87
CA ILE A 567 -0.49 14.22 -4.81
C ILE A 567 -0.94 15.53 -5.44
N ALA A 568 -0.18 16.62 -5.20
CA ALA A 568 -0.56 17.94 -5.65
C ALA A 568 -0.01 18.23 -7.05
N GLU A 569 0.19 17.18 -7.85
CA GLU A 569 0.78 17.30 -9.18
C GLU A 569 -0.35 17.30 -10.21
N THR A 570 -1.24 16.31 -10.14
CA THR A 570 -2.35 16.18 -11.08
C THR A 570 -3.67 15.81 -10.40
N SER A 571 -3.65 15.42 -9.12
CA SER A 571 -4.84 14.83 -8.50
C SER A 571 -5.64 15.88 -7.75
N ILE A 572 -4.97 16.84 -7.11
CA ILE A 572 -5.65 17.93 -6.41
C ILE A 572 -5.00 19.26 -6.81
N THR A 573 -5.78 20.35 -6.65
CA THR A 573 -5.33 21.68 -7.01
C THR A 573 -5.53 22.61 -5.81
N ILE A 574 -4.42 23.07 -5.22
CA ILE A 574 -4.46 24.00 -4.11
C ILE A 574 -4.60 25.40 -4.67
N ASN A 575 -5.45 26.22 -4.03
CA ASN A 575 -5.84 27.52 -4.56
C ASN A 575 -4.91 28.61 -4.04
N ASP A 576 -4.80 29.68 -4.83
CA ASP A 576 -3.99 30.85 -4.52
C ASP A 576 -2.51 30.45 -4.46
N VAL A 577 -2.09 29.55 -5.37
CA VAL A 577 -0.70 29.18 -5.50
C VAL A 577 -0.10 30.04 -6.61
N VAL A 578 0.95 30.79 -6.26
CA VAL A 578 1.66 31.65 -7.21
C VAL A 578 3.07 31.13 -7.43
N TYR A 579 3.66 30.49 -6.40
CA TYR A 579 5.05 30.08 -6.43
C TYR A 579 5.13 28.56 -6.24
N VAL A 580 6.04 27.92 -7.00
CA VAL A 580 6.30 26.50 -6.88
C VAL A 580 7.81 26.29 -6.74
N ILE A 581 8.21 25.59 -5.67
CA ILE A 581 9.57 25.11 -5.50
C ILE A 581 9.57 23.62 -5.75
N ASP A 582 10.32 23.18 -6.77
CA ASP A 582 10.28 21.80 -7.25
C ASP A 582 11.63 21.14 -7.00
N SER A 583 11.62 20.02 -6.25
CA SER A 583 12.82 19.25 -6.00
C SER A 583 13.21 18.44 -7.24
N CYS A 584 12.23 18.18 -8.11
CA CYS A 584 12.42 17.41 -9.34
C CYS A 584 12.66 15.94 -9.02
N LYS A 585 12.05 15.45 -7.93
CA LYS A 585 12.23 14.08 -7.48
C LYS A 585 10.87 13.37 -7.43
N GLN A 586 10.94 12.04 -7.33
CA GLN A 586 9.76 11.19 -7.11
C GLN A 586 10.12 10.14 -6.08
N LYS A 587 9.11 9.56 -5.42
CA LYS A 587 9.31 8.40 -4.56
C LYS A 587 8.62 7.19 -5.19
N VAL A 588 9.36 6.08 -5.29
CA VAL A 588 8.88 4.87 -5.94
C VAL A 588 9.35 3.66 -5.13
N LYS A 589 8.47 2.66 -5.02
CA LYS A 589 8.84 1.34 -4.54
C LYS A 589 9.53 0.57 -5.66
N LEU A 590 10.81 0.23 -5.45
CA LEU A 590 11.52 -0.68 -6.33
C LEU A 590 11.79 -1.98 -5.58
N PHE A 591 11.10 -3.04 -5.97
CA PHE A 591 11.30 -4.35 -5.38
C PHE A 591 12.09 -5.23 -6.35
N THR A 592 13.14 -5.88 -5.83
CA THR A 592 13.92 -6.84 -6.59
C THR A 592 13.79 -8.20 -5.94
N ALA A 593 13.28 -9.18 -6.70
CA ALA A 593 12.86 -10.47 -6.16
C ALA A 593 14.08 -11.34 -5.82
N HIS A 594 15.19 -11.16 -6.55
CA HIS A 594 16.33 -12.05 -6.43
C HIS A 594 16.89 -12.02 -5.01
N ASN A 595 16.96 -10.83 -4.42
CA ASN A 595 17.49 -10.65 -3.06
C ASN A 595 16.38 -10.22 -2.10
N ASN A 596 15.16 -10.01 -2.62
CA ASN A 596 14.02 -9.61 -1.82
C ASN A 596 14.29 -8.24 -1.19
N MET A 597 14.72 -7.30 -2.02
CA MET A 597 15.16 -5.98 -1.58
C MET A 597 14.06 -4.96 -1.90
N THR A 598 13.70 -4.15 -0.90
CA THR A 598 12.80 -3.03 -1.10
C THR A 598 13.62 -1.74 -1.08
N ASN A 599 13.37 -0.86 -2.05
CA ASN A 599 14.05 0.42 -2.14
C ASN A 599 13.00 1.51 -2.35
N TYR A 600 12.78 2.32 -1.31
CA TYR A 600 11.98 3.53 -1.43
C TYR A 600 12.87 4.62 -2.04
N ALA A 601 13.12 4.49 -3.34
CA ALA A 601 14.16 5.25 -4.01
C ALA A 601 13.66 6.66 -4.32
N THR A 602 14.53 7.64 -4.07
CA THR A 602 14.35 8.99 -4.57
C THR A 602 14.96 9.04 -5.96
N VAL A 603 14.13 9.30 -6.97
CA VAL A 603 14.55 9.24 -8.36
C VAL A 603 14.17 10.54 -9.06
N TRP A 604 14.80 10.79 -10.22
CA TRP A 604 14.51 11.96 -11.02
C TRP A 604 13.09 11.86 -11.58
N ALA A 605 12.40 13.01 -11.59
CA ALA A 605 11.10 13.12 -12.21
C ALA A 605 11.28 13.28 -13.72
N SER A 606 10.17 13.20 -14.46
CA SER A 606 10.19 13.30 -15.91
C SER A 606 10.01 14.75 -16.33
N LYS A 607 10.26 15.04 -17.60
CA LYS A 607 10.00 16.36 -18.16
C LYS A 607 8.51 16.68 -18.05
N THR A 608 7.67 15.65 -18.22
CA THR A 608 6.23 15.79 -18.08
C THR A 608 5.89 16.22 -16.65
N ASN A 609 6.58 15.63 -15.67
CA ASN A 609 6.33 15.93 -14.26
C ASN A 609 6.67 17.38 -13.97
N LEU A 610 7.86 17.82 -14.42
CA LEU A 610 8.33 19.17 -14.18
C LEU A 610 7.42 20.19 -14.85
N GLU A 611 6.84 19.83 -16.01
CA GLU A 611 5.96 20.72 -16.73
C GLU A 611 4.62 20.82 -15.99
N GLN A 612 4.15 19.70 -15.44
CA GLN A 612 2.90 19.65 -14.70
C GLN A 612 3.04 20.42 -13.38
N ARG A 613 4.19 20.26 -12.72
CA ARG A 613 4.47 20.94 -11.46
C ARG A 613 4.61 22.45 -11.70
N LYS A 614 5.13 22.82 -12.86
CA LYS A 614 5.28 24.22 -13.26
C LYS A 614 3.90 24.83 -13.52
N GLY A 615 2.96 24.01 -14.01
CA GLY A 615 1.62 24.48 -14.34
C GLY A 615 0.78 24.83 -13.10
N ARG A 616 1.19 24.34 -11.93
CA ARG A 616 0.45 24.55 -10.69
C ARG A 616 0.60 26.00 -10.20
N ALA A 617 1.57 26.75 -10.76
CA ALA A 617 1.86 28.10 -10.31
C ALA A 617 0.98 29.13 -11.02
N GLY A 618 0.37 28.75 -12.15
CA GLY A 618 -0.32 29.71 -13.01
C GLY A 618 -1.80 29.38 -13.19
N ARG A 619 -2.56 29.38 -12.09
CA ARG A 619 -4.00 29.25 -12.15
C ARG A 619 -4.71 30.49 -11.62
N VAL A 620 -3.97 31.37 -10.92
CA VAL A 620 -4.57 32.55 -10.30
C VAL A 620 -3.97 33.82 -10.92
N ARG A 621 -2.65 33.84 -11.12
CA ARG A 621 -1.98 34.95 -11.78
C ARG A 621 -0.64 34.46 -12.32
N PRO A 622 0.11 35.27 -13.10
CA PRO A 622 1.45 34.88 -13.55
C PRO A 622 2.32 34.46 -12.37
N GLY A 623 2.85 33.23 -12.45
CA GLY A 623 3.56 32.62 -11.35
C GLY A 623 5.04 32.40 -11.65
N PHE A 624 5.74 31.80 -10.69
CA PHE A 624 7.14 31.43 -10.85
C PHE A 624 7.32 29.99 -10.40
N CYS A 625 8.31 29.30 -11.01
CA CYS A 625 8.61 27.92 -10.68
C CYS A 625 10.11 27.74 -10.52
N PHE A 626 10.52 27.30 -9.32
CA PHE A 626 11.92 27.16 -8.97
C PHE A 626 12.31 25.69 -8.96
N HIS A 627 12.81 25.20 -10.11
CA HIS A 627 13.32 23.84 -10.22
C HIS A 627 14.69 23.76 -9.56
N LEU A 628 14.90 22.72 -8.73
CA LEU A 628 16.14 22.54 -8.01
C LEU A 628 17.00 21.47 -8.69
N CYS A 629 17.02 21.50 -10.03
CA CYS A 629 17.90 20.67 -10.82
C CYS A 629 18.65 21.56 -11.81
N SER A 630 19.85 21.13 -12.20
CA SER A 630 20.67 21.87 -13.14
C SER A 630 19.98 21.92 -14.50
N ARG A 631 20.36 22.90 -15.33
CA ARG A 631 19.86 23.00 -16.69
C ARG A 631 20.39 21.85 -17.53
N ALA A 632 21.57 21.33 -17.14
CA ALA A 632 22.15 20.16 -17.79
C ALA A 632 21.36 18.91 -17.42
N ARG A 633 20.99 18.79 -16.13
CA ARG A 633 20.25 17.64 -15.63
C ARG A 633 18.91 17.54 -16.34
N PHE A 634 18.23 18.68 -16.52
CA PHE A 634 16.94 18.73 -17.19
C PHE A 634 16.99 18.02 -18.53
N GLU A 635 18.09 18.23 -19.28
CA GLU A 635 18.24 17.67 -20.61
C GLU A 635 18.33 16.14 -20.54
N ARG A 636 18.87 15.64 -19.42
CA ARG A 636 19.13 14.21 -19.24
C ARG A 636 18.01 13.55 -18.44
N LEU A 637 16.84 14.21 -18.38
CA LEU A 637 15.65 13.61 -17.79
C LEU A 637 14.89 12.87 -18.89
N GLU A 638 14.23 11.77 -18.52
CA GLU A 638 13.34 11.05 -19.43
C GLU A 638 12.08 11.88 -19.65
N THR A 639 11.43 11.67 -20.79
CA THR A 639 10.21 12.39 -21.14
C THR A 639 9.07 11.97 -20.22
N HIS A 640 9.02 10.66 -19.91
CA HIS A 640 7.97 10.10 -19.08
C HIS A 640 8.56 9.17 -18.02
N MET A 641 7.82 8.99 -16.93
CA MET A 641 8.17 8.02 -15.90
C MET A 641 7.94 6.62 -16.46
N THR A 642 8.68 5.64 -15.92
CA THR A 642 8.41 4.24 -16.18
C THR A 642 7.05 3.88 -15.60
N PRO A 643 6.08 3.38 -16.40
CA PRO A 643 4.79 2.94 -15.85
C PRO A 643 4.97 1.80 -14.86
N GLU A 644 4.03 1.68 -13.92
CA GLU A 644 4.15 0.76 -12.81
C GLU A 644 4.11 -0.69 -13.30
N MET A 645 3.46 -0.90 -14.45
CA MET A 645 3.32 -2.22 -15.05
C MET A 645 4.69 -2.81 -15.37
N PHE A 646 5.70 -1.94 -15.56
CA PHE A 646 7.03 -2.37 -15.95
C PHE A 646 7.89 -2.72 -14.72
N ARG A 647 7.50 -2.29 -13.52
CA ARG A 647 8.40 -2.34 -12.38
C ARG A 647 7.68 -2.68 -11.08
N THR A 648 6.62 -3.51 -11.15
CA THR A 648 5.88 -3.90 -9.97
C THR A 648 5.63 -5.41 -9.98
N PRO A 649 5.74 -6.11 -8.83
CA PRO A 649 5.34 -7.52 -8.72
C PRO A 649 3.90 -7.70 -9.18
N LEU A 650 3.62 -8.85 -9.82
CA LEU A 650 2.37 -9.07 -10.54
C LEU A 650 1.59 -10.23 -9.94
N HIS A 651 2.01 -10.75 -8.79
CA HIS A 651 1.41 -11.96 -8.24
C HIS A 651 -0.03 -11.69 -7.81
N GLU A 652 -0.32 -10.46 -7.34
CA GLU A 652 -1.65 -10.11 -6.88
C GLU A 652 -2.59 -9.93 -8.07
N ILE A 653 -2.09 -9.29 -9.13
CA ILE A 653 -2.82 -9.15 -10.37
C ILE A 653 -3.06 -10.54 -10.99
N ALA A 654 -2.07 -11.42 -10.89
CA ALA A 654 -2.19 -12.78 -11.41
C ALA A 654 -3.32 -13.53 -10.70
N LEU A 655 -3.43 -13.37 -9.38
CA LEU A 655 -4.50 -13.99 -8.61
C LEU A 655 -5.85 -13.46 -9.07
N SER A 656 -5.95 -12.14 -9.26
CA SER A 656 -7.17 -11.50 -9.73
C SER A 656 -7.61 -12.11 -11.06
N ILE A 657 -6.66 -12.25 -12.00
CA ILE A 657 -6.93 -12.80 -13.31
C ILE A 657 -7.61 -14.16 -13.18
N LYS A 658 -7.09 -15.00 -12.28
CA LYS A 658 -7.57 -16.37 -12.13
C LYS A 658 -8.91 -16.39 -11.40
N LEU A 659 -9.08 -15.50 -10.41
CA LEU A 659 -10.32 -15.41 -9.66
C LEU A 659 -11.47 -15.03 -10.60
N LEU A 660 -11.19 -14.09 -11.51
CA LEU A 660 -12.19 -13.55 -12.42
C LEU A 660 -12.34 -14.42 -13.67
N ARG A 661 -11.58 -15.51 -13.76
CA ARG A 661 -11.70 -16.49 -14.85
C ARG A 661 -11.49 -15.79 -16.19
N LEU A 662 -10.39 -15.03 -16.29
CA LEU A 662 -10.09 -14.26 -17.48
C LEU A 662 -9.05 -14.99 -18.35
N GLY A 663 -8.65 -16.19 -17.94
CA GLY A 663 -7.78 -17.03 -18.75
C GLY A 663 -6.36 -17.10 -18.18
N GLY A 664 -5.38 -17.21 -19.09
CA GLY A 664 -3.98 -17.33 -18.71
C GLY A 664 -3.40 -16.01 -18.22
N ILE A 665 -2.47 -16.08 -17.27
CA ILE A 665 -1.86 -14.90 -16.68
C ILE A 665 -1.06 -14.17 -17.75
N GLY A 666 -0.16 -14.90 -18.42
CA GLY A 666 0.65 -14.34 -19.50
C GLY A 666 -0.22 -13.89 -20.68
N GLN A 667 -1.22 -14.71 -21.02
CA GLN A 667 -2.09 -14.45 -22.15
C GLN A 667 -2.86 -13.14 -21.94
N PHE A 668 -3.35 -12.93 -20.72
CA PHE A 668 -4.18 -11.77 -20.42
C PHE A 668 -3.32 -10.51 -20.37
N LEU A 669 -2.15 -10.59 -19.73
CA LEU A 669 -1.29 -9.44 -19.53
C LEU A 669 -0.64 -9.02 -20.85
N ALA A 670 -0.67 -9.90 -21.85
CA ALA A 670 -0.14 -9.59 -23.18
C ALA A 670 -1.04 -8.59 -23.90
N LYS A 671 -2.32 -8.52 -23.50
CA LYS A 671 -3.28 -7.64 -24.15
C LYS A 671 -3.31 -6.27 -23.48
N ALA A 672 -2.42 -6.03 -22.50
CA ALA A 672 -2.39 -4.77 -21.78
C ALA A 672 -1.97 -3.63 -22.71
N ILE A 673 -2.31 -2.41 -22.30
CA ILE A 673 -1.96 -1.21 -23.05
C ILE A 673 -0.45 -1.19 -23.31
N GLU A 674 0.33 -1.48 -22.26
CA GLU A 674 1.77 -1.67 -22.38
C GLU A 674 2.16 -2.87 -21.52
N PRO A 675 2.23 -4.08 -22.10
CA PRO A 675 2.43 -5.31 -21.32
C PRO A 675 3.63 -5.29 -20.36
N PRO A 676 3.58 -6.04 -19.25
CA PRO A 676 4.70 -6.14 -18.33
C PRO A 676 5.85 -6.95 -18.92
N PRO A 677 7.10 -6.78 -18.42
CA PRO A 677 8.22 -7.60 -18.89
C PRO A 677 7.99 -9.08 -18.55
N LEU A 678 8.62 -9.96 -19.33
CA LEU A 678 8.42 -11.39 -19.22
C LEU A 678 8.80 -11.88 -17.83
N ASP A 679 9.97 -11.43 -17.32
CA ASP A 679 10.51 -11.95 -16.08
C ASP A 679 9.53 -11.75 -14.93
N ALA A 680 8.79 -10.63 -14.94
CA ALA A 680 7.82 -10.32 -13.91
C ALA A 680 6.66 -11.31 -13.93
N VAL A 681 6.19 -11.66 -15.13
CA VAL A 681 5.12 -12.63 -15.28
C VAL A 681 5.60 -13.98 -14.77
N ILE A 682 6.83 -14.36 -15.15
CA ILE A 682 7.41 -15.64 -14.73
C ILE A 682 7.59 -15.65 -13.22
N GLU A 683 8.03 -14.52 -12.66
CA GLU A 683 8.24 -14.37 -11.23
C GLU A 683 6.92 -14.54 -10.49
N ALA A 684 5.85 -13.94 -11.04
CA ALA A 684 4.53 -14.06 -10.46
C ALA A 684 4.07 -15.52 -10.45
N GLU A 685 4.19 -16.18 -11.62
CA GLU A 685 3.78 -17.56 -11.77
C GLU A 685 4.59 -18.45 -10.81
N HIS A 686 5.89 -18.14 -10.64
CA HIS A 686 6.76 -18.90 -9.76
C HIS A 686 6.31 -18.74 -8.31
N THR A 687 6.00 -17.50 -7.92
CA THR A 687 5.61 -17.19 -6.54
C THR A 687 4.35 -17.95 -6.17
N LEU A 688 3.35 -17.93 -7.07
CA LEU A 688 2.05 -18.51 -6.80
C LEU A 688 2.12 -20.04 -6.82
N ARG A 689 3.12 -20.61 -7.51
CA ARG A 689 3.30 -22.05 -7.55
C ARG A 689 3.91 -22.52 -6.22
N GLU A 690 4.91 -21.79 -5.73
CA GLU A 690 5.53 -22.08 -4.44
C GLU A 690 4.48 -22.15 -3.32
N LEU A 691 3.52 -21.23 -3.34
CA LEU A 691 2.51 -21.13 -2.30
C LEU A 691 1.43 -22.20 -2.46
N ASP A 692 1.42 -22.90 -3.61
CA ASP A 692 0.36 -23.82 -3.97
C ASP A 692 -0.95 -23.05 -4.17
N ALA A 693 -0.84 -21.82 -4.68
CA ALA A 693 -1.99 -21.04 -5.11
C ALA A 693 -2.41 -21.50 -6.50
N LEU A 694 -1.42 -21.88 -7.31
CA LEU A 694 -1.66 -22.52 -8.61
C LEU A 694 -1.11 -23.94 -8.57
N ASP A 695 -1.76 -24.83 -9.34
CA ASP A 695 -1.28 -26.19 -9.52
C ASP A 695 -0.33 -26.21 -10.72
N ALA A 696 0.00 -27.42 -11.21
CA ALA A 696 0.92 -27.58 -12.32
C ALA A 696 0.32 -27.01 -13.61
N ASN A 697 -1.01 -27.09 -13.74
CA ASN A 697 -1.71 -26.58 -14.92
C ASN A 697 -1.93 -25.07 -14.82
N ASP A 698 -1.41 -24.45 -13.75
CA ASP A 698 -1.56 -23.03 -13.49
C ASP A 698 -3.05 -22.69 -13.33
N GLU A 699 -3.80 -23.60 -12.71
CA GLU A 699 -5.20 -23.36 -12.38
C GLU A 699 -5.32 -23.13 -10.87
N LEU A 700 -6.35 -22.37 -10.49
CA LEU A 700 -6.48 -21.86 -9.14
C LEU A 700 -6.90 -22.99 -8.20
N THR A 701 -6.08 -23.23 -7.17
CA THR A 701 -6.38 -24.25 -6.18
C THR A 701 -7.36 -23.67 -5.15
N PRO A 702 -8.03 -24.51 -4.32
CA PRO A 702 -8.87 -24.00 -3.23
C PRO A 702 -8.15 -23.00 -2.32
N LEU A 703 -6.85 -23.23 -2.09
CA LEU A 703 -6.02 -22.31 -1.31
C LEU A 703 -5.88 -20.98 -2.06
N GLY A 704 -5.61 -21.06 -3.36
CA GLY A 704 -5.46 -19.87 -4.20
C GLY A 704 -6.71 -19.00 -4.24
N ARG A 705 -7.88 -19.65 -4.11
CA ARG A 705 -9.15 -18.94 -4.16
C ARG A 705 -9.29 -18.06 -2.92
N ILE A 706 -8.82 -18.56 -1.77
CA ILE A 706 -8.89 -17.84 -0.52
C ILE A 706 -7.89 -16.67 -0.53
N LEU A 707 -6.68 -16.92 -1.05
CA LEU A 707 -5.65 -15.89 -1.10
C LEU A 707 -6.07 -14.76 -2.02
N ALA A 708 -6.82 -15.09 -3.08
CA ALA A 708 -7.27 -14.09 -4.05
C ALA A 708 -8.34 -13.20 -3.45
N LYS A 709 -9.11 -13.74 -2.49
CA LYS A 709 -10.20 -13.02 -1.85
C LYS A 709 -9.68 -12.13 -0.72
N LEU A 710 -8.59 -12.56 -0.06
CA LEU A 710 -7.97 -11.79 1.00
C LEU A 710 -7.20 -10.62 0.39
N PRO A 711 -7.49 -9.35 0.77
CA PRO A 711 -6.79 -8.19 0.23
C PRO A 711 -5.46 -7.89 0.94
N ILE A 712 -4.57 -8.88 0.97
CA ILE A 712 -3.23 -8.72 1.49
C ILE A 712 -2.28 -9.58 0.65
N GLU A 713 -0.97 -9.41 0.90
CA GLU A 713 0.06 -10.25 0.32
C GLU A 713 -0.34 -11.72 0.44
N PRO A 714 -0.34 -12.50 -0.68
CA PRO A 714 -0.70 -13.92 -0.64
C PRO A 714 0.02 -14.75 0.42
N ARG A 715 1.29 -14.43 0.67
CA ARG A 715 2.10 -15.19 1.62
C ARG A 715 1.57 -14.97 3.04
N PHE A 716 1.17 -13.75 3.37
CA PHE A 716 0.58 -13.45 4.67
C PHE A 716 -0.82 -14.07 4.77
N GLY A 717 -1.54 -14.13 3.64
CA GLY A 717 -2.82 -14.83 3.57
C GLY A 717 -2.70 -16.28 3.98
N LYS A 718 -1.65 -16.95 3.48
CA LYS A 718 -1.39 -18.35 3.79
C LYS A 718 -1.01 -18.48 5.26
N MET A 719 -0.24 -17.51 5.77
CA MET A 719 0.17 -17.49 7.16
C MET A 719 -1.07 -17.39 8.05
N MET A 720 -2.06 -16.60 7.61
CA MET A 720 -3.32 -16.44 8.32
C MET A 720 -4.06 -17.77 8.38
N ILE A 721 -4.09 -18.51 7.25
CA ILE A 721 -4.74 -19.80 7.19
C ILE A 721 -4.08 -20.77 8.17
N MET A 722 -2.74 -20.76 8.21
CA MET A 722 -1.98 -21.60 9.12
C MET A 722 -2.32 -21.22 10.56
N GLY A 723 -2.47 -19.92 10.81
CA GLY A 723 -2.86 -19.43 12.13
C GLY A 723 -4.19 -20.02 12.59
N CYS A 724 -5.15 -20.09 11.67
CA CYS A 724 -6.46 -20.66 11.97
C CYS A 724 -6.32 -22.11 12.40
N ILE A 725 -5.47 -22.87 11.67
CA ILE A 725 -5.24 -24.27 11.97
C ILE A 725 -4.69 -24.42 13.38
N PHE A 726 -3.84 -23.48 13.82
CA PHE A 726 -3.20 -23.53 15.12
C PHE A 726 -4.04 -22.83 16.19
N TYR A 727 -5.20 -22.28 15.80
CA TYR A 727 -6.10 -21.56 16.69
C TYR A 727 -5.41 -20.32 17.27
N VAL A 728 -4.72 -19.56 16.40
CA VAL A 728 -4.14 -18.28 16.76
C VAL A 728 -4.48 -17.26 15.68
N GLY A 729 -5.65 -17.44 15.04
CA GLY A 729 -6.01 -16.71 13.85
C GLY A 729 -6.14 -15.21 14.08
N ASP A 730 -6.60 -14.81 15.26
CA ASP A 730 -6.82 -13.41 15.58
C ASP A 730 -5.48 -12.67 15.58
N ALA A 731 -4.49 -13.22 16.30
CA ALA A 731 -3.18 -12.61 16.39
C ALA A 731 -2.55 -12.48 15.01
N VAL A 732 -2.69 -13.53 14.19
CA VAL A 732 -2.05 -13.58 12.89
C VAL A 732 -2.77 -12.63 11.93
N CYS A 733 -4.09 -12.48 12.12
CA CYS A 733 -4.86 -11.49 11.38
C CYS A 733 -4.45 -10.07 11.78
N THR A 734 -4.09 -9.89 13.06
CA THR A 734 -3.64 -8.59 13.55
C THR A 734 -2.29 -8.23 12.93
N ILE A 735 -1.36 -9.18 12.91
CA ILE A 735 -0.06 -8.99 12.31
C ILE A 735 -0.23 -8.58 10.84
N SER A 736 -1.08 -9.33 10.12
CA SER A 736 -1.26 -9.15 8.69
C SER A 736 -1.88 -7.80 8.37
N ALA A 737 -2.89 -7.41 9.15
CA ALA A 737 -3.59 -6.14 8.95
C ALA A 737 -2.61 -4.98 9.10
N ALA A 738 -1.71 -5.07 10.09
CA ALA A 738 -0.83 -3.98 10.46
C ALA A 738 0.20 -3.68 9.37
N THR A 739 0.38 -4.60 8.42
CA THR A 739 1.32 -4.39 7.32
C THR A 739 0.78 -3.35 6.34
N CYS A 740 -0.54 -3.09 6.37
CA CYS A 740 -1.18 -2.21 5.42
C CYS A 740 -1.16 -0.76 5.89
N PHE A 741 -0.69 -0.50 7.11
CA PHE A 741 -0.76 0.82 7.72
C PHE A 741 0.59 1.20 8.31
N PRO A 742 0.84 2.51 8.58
CA PRO A 742 2.04 2.94 9.28
C PRO A 742 2.21 2.30 10.66
N GLU A 743 3.39 2.48 11.24
CA GLU A 743 3.68 1.99 12.58
C GLU A 743 2.84 2.80 13.58
N PRO A 744 2.09 2.13 14.50
CA PRO A 744 1.31 2.85 15.51
C PRO A 744 2.16 3.65 16.51
N PHE A 745 3.43 3.27 16.67
CA PHE A 745 4.36 4.00 17.51
C PHE A 745 4.72 5.34 16.88
N ILE A 746 4.56 6.41 17.67
CA ILE A 746 5.02 7.74 17.27
C ILE A 746 6.42 7.93 17.82
N SER A 747 7.43 7.60 17.01
CA SER A 747 8.82 7.63 17.44
C SER A 747 9.54 8.88 16.92
N GLU A 748 8.97 9.51 15.88
CA GLU A 748 9.55 10.69 15.24
C GLU A 748 10.88 10.33 14.57
N GLY A 749 11.01 9.08 14.11
CA GLY A 749 12.18 8.61 13.42
C GLY A 749 13.40 8.46 14.35
N LYS A 750 13.15 8.29 15.65
CA LYS A 750 14.20 8.15 16.64
C LYS A 750 14.19 6.73 17.20
N ARG A 751 15.17 6.41 18.04
CA ARG A 751 15.16 5.19 18.83
C ARG A 751 14.00 5.25 19.82
N LEU A 752 13.40 4.08 20.10
CA LEU A 752 12.23 4.01 20.95
C LEU A 752 12.62 4.32 22.40
N GLY A 753 11.69 4.98 23.11
CA GLY A 753 11.86 5.28 24.52
C GLY A 753 11.45 4.09 25.40
N TYR A 754 11.43 4.31 26.71
CA TYR A 754 11.12 3.27 27.68
C TYR A 754 9.74 2.69 27.43
N VAL A 755 8.73 3.58 27.33
CA VAL A 755 7.33 3.17 27.26
C VAL A 755 7.12 2.20 26.10
N HIS A 756 7.67 2.53 24.92
CA HIS A 756 7.43 1.75 23.71
C HIS A 756 8.12 0.40 23.78
N ARG A 757 9.33 0.35 24.36
CA ARG A 757 10.12 -0.86 24.42
C ARG A 757 9.49 -1.89 25.35
N ASN A 758 8.82 -1.42 26.41
CA ASN A 758 8.22 -2.30 27.40
C ASN A 758 7.18 -3.22 26.76
N PHE A 759 6.49 -2.73 25.73
CA PHE A 759 5.46 -3.50 25.05
C PHE A 759 6.05 -4.78 24.44
N ALA A 760 7.35 -4.75 24.13
CA ALA A 760 8.03 -5.88 23.50
C ALA A 760 8.12 -7.06 24.45
N GLY A 761 8.18 -6.79 25.76
CA GLY A 761 8.38 -7.84 26.76
C GLY A 761 9.83 -8.31 26.76
N ASN A 762 10.03 -9.63 26.81
CA ASN A 762 11.36 -10.22 26.78
C ASN A 762 11.51 -11.08 25.52
N ARG A 763 10.76 -10.72 24.46
CA ARG A 763 10.67 -11.53 23.26
C ARG A 763 11.60 -10.99 22.17
N PHE A 764 12.22 -9.81 22.40
CA PHE A 764 13.08 -9.19 21.42
C PHE A 764 12.35 -9.13 20.07
N SER A 765 11.12 -8.60 20.09
CA SER A 765 10.23 -8.69 18.94
C SER A 765 9.42 -7.40 18.77
N ASP A 766 9.49 -6.81 17.57
CA ASP A 766 8.68 -5.66 17.22
C ASP A 766 7.23 -6.09 16.97
N HIS A 767 7.04 -7.36 16.60
CA HIS A 767 5.71 -7.89 16.32
C HIS A 767 4.96 -8.18 17.61
N VAL A 768 5.67 -8.66 18.64
CA VAL A 768 5.06 -8.88 19.94
C VAL A 768 4.68 -7.52 20.54
N ALA A 769 5.53 -6.51 20.33
CA ALA A 769 5.23 -5.15 20.75
C ALA A 769 3.91 -4.70 20.14
N LEU A 770 3.76 -4.92 18.83
CA LEU A 770 2.55 -4.53 18.11
C LEU A 770 1.34 -5.22 18.74
N LEU A 771 1.41 -6.54 18.90
CA LEU A 771 0.31 -7.32 19.47
C LEU A 771 -0.01 -6.80 20.88
N SER A 772 1.03 -6.44 21.65
CA SER A 772 0.86 -6.04 23.03
C SER A 772 0.18 -4.68 23.12
N VAL A 773 0.51 -3.74 22.22
CA VAL A 773 -0.13 -2.44 22.23
C VAL A 773 -1.60 -2.58 21.84
N PHE A 774 -1.91 -3.57 20.99
CA PHE A 774 -3.29 -3.84 20.59
C PHE A 774 -4.07 -4.42 21.76
N GLN A 775 -3.43 -5.27 22.57
CA GLN A 775 -4.05 -5.82 23.76
C GLN A 775 -4.36 -4.69 24.74
N ALA A 776 -3.38 -3.79 24.94
CA ALA A 776 -3.50 -2.70 25.90
C ALA A 776 -4.52 -1.67 25.42
N TRP A 777 -4.47 -1.35 24.13
CA TRP A 777 -5.34 -0.37 23.51
C TRP A 777 -6.80 -0.80 23.61
N ASP A 778 -7.05 -2.10 23.43
CA ASP A 778 -8.39 -2.66 23.42
C ASP A 778 -8.95 -2.65 24.83
N ASP A 779 -8.08 -2.83 25.84
CA ASP A 779 -8.46 -2.78 27.24
C ASP A 779 -8.83 -1.35 27.61
N ALA A 780 -7.97 -0.39 27.24
CA ALA A 780 -8.16 1.00 27.59
C ALA A 780 -9.39 1.58 26.88
N ARG A 781 -9.76 0.98 25.74
CA ARG A 781 -10.87 1.43 24.93
C ARG A 781 -12.21 1.07 25.57
N MET A 782 -12.17 0.17 26.58
CA MET A 782 -13.37 -0.25 27.30
C MET A 782 -14.07 0.96 27.92
N GLY A 783 -13.29 1.92 28.42
CA GLY A 783 -13.82 3.05 29.17
C GLY A 783 -14.17 4.26 28.30
N GLY A 784 -14.57 4.03 27.04
CA GLY A 784 -15.10 5.10 26.20
C GLY A 784 -14.01 5.78 25.38
N GLU A 785 -14.44 6.75 24.55
CA GLU A 785 -13.60 7.35 23.54
C GLU A 785 -12.50 8.20 24.16
N GLU A 786 -12.83 8.93 25.24
CA GLU A 786 -11.90 9.87 25.84
C GLU A 786 -10.81 9.10 26.59
N ALA A 787 -11.18 7.95 27.17
CA ALA A 787 -10.22 7.09 27.84
C ALA A 787 -9.22 6.52 26.84
N GLU A 788 -9.71 6.23 25.62
CA GLU A 788 -8.87 5.71 24.55
C GLU A 788 -7.86 6.79 24.14
N ILE A 789 -8.35 8.01 23.90
CA ILE A 789 -7.52 9.11 23.46
C ILE A 789 -6.38 9.34 24.45
N ARG A 790 -6.72 9.35 25.74
CA ARG A 790 -5.74 9.64 26.78
C ARG A 790 -4.67 8.55 26.82
N PHE A 791 -5.09 7.29 26.69
CA PHE A 791 -4.18 6.16 26.63
C PHE A 791 -3.20 6.36 25.48
N CYS A 792 -3.73 6.75 24.31
CA CYS A 792 -2.93 6.82 23.09
C CYS A 792 -1.90 7.95 23.18
N GLU A 793 -2.29 9.11 23.71
CA GLU A 793 -1.38 10.25 23.75
C GLU A 793 -0.50 10.18 25.00
N HIS A 794 -0.89 9.37 25.99
CA HIS A 794 -0.02 9.08 27.13
C HIS A 794 1.07 8.09 26.72
N LYS A 795 0.70 7.09 25.90
CA LYS A 795 1.63 6.08 25.45
C LYS A 795 2.26 6.47 24.11
N ARG A 796 1.85 7.64 23.57
CA ARG A 796 2.40 8.18 22.34
C ARG A 796 2.14 7.23 21.19
N LEU A 797 0.85 6.94 20.96
CA LEU A 797 0.39 6.03 19.91
C LEU A 797 -0.50 6.82 18.94
N ASN A 798 -0.54 6.35 17.69
CA ASN A 798 -1.39 6.94 16.66
C ASN A 798 -2.73 6.20 16.68
N MET A 799 -3.76 6.86 17.23
CA MET A 799 -5.03 6.21 17.52
C MET A 799 -5.75 5.85 16.22
N ALA A 800 -5.61 6.69 15.19
CA ALA A 800 -6.24 6.43 13.90
C ALA A 800 -5.69 5.15 13.28
N THR A 801 -4.39 4.91 13.45
CA THR A 801 -3.73 3.73 12.91
C THR A 801 -4.26 2.47 13.58
N LEU A 802 -4.39 2.51 14.91
CA LEU A 802 -4.87 1.37 15.68
C LEU A 802 -6.31 1.04 15.30
N ARG A 803 -7.14 2.07 15.11
CA ARG A 803 -8.53 1.88 14.78
C ARG A 803 -8.69 1.27 13.38
N MET A 804 -7.95 1.81 12.42
CA MET A 804 -8.02 1.36 11.04
C MET A 804 -7.52 -0.08 10.94
N THR A 805 -6.48 -0.41 11.72
CA THR A 805 -5.89 -1.74 11.72
C THR A 805 -6.86 -2.75 12.32
N TRP A 806 -7.54 -2.36 13.41
CA TRP A 806 -8.54 -3.20 14.03
C TRP A 806 -9.64 -3.55 13.02
N GLU A 807 -10.19 -2.52 12.37
CA GLU A 807 -11.27 -2.71 11.40
C GLU A 807 -10.81 -3.63 10.29
N ALA A 808 -9.55 -3.45 9.85
CA ALA A 808 -8.97 -4.30 8.82
C ALA A 808 -8.95 -5.76 9.27
N LYS A 809 -8.58 -5.98 10.52
CA LYS A 809 -8.53 -7.31 11.12
C LYS A 809 -9.92 -7.96 11.10
N VAL A 810 -10.96 -7.15 11.38
CA VAL A 810 -12.32 -7.65 11.45
C VAL A 810 -12.74 -8.17 10.08
N GLN A 811 -12.37 -7.43 9.03
CA GLN A 811 -12.77 -7.76 7.66
C GLN A 811 -12.00 -8.99 7.17
N LEU A 812 -10.73 -9.11 7.56
CA LEU A 812 -9.93 -10.27 7.22
C LEU A 812 -10.53 -11.52 7.87
N LYS A 813 -10.94 -11.40 9.14
CA LYS A 813 -11.58 -12.49 9.85
C LYS A 813 -12.91 -12.84 9.18
N GLU A 814 -13.64 -11.81 8.73
CA GLU A 814 -14.93 -11.98 8.06
C GLU A 814 -14.79 -12.90 6.86
N ILE A 815 -13.73 -12.71 6.07
CA ILE A 815 -13.55 -13.42 4.81
C ILE A 815 -13.16 -14.88 5.08
N LEU A 816 -12.47 -15.12 6.20
CA LEU A 816 -12.13 -16.49 6.59
C LEU A 816 -13.39 -17.23 7.03
N ILE A 817 -14.26 -16.54 7.77
CA ILE A 817 -15.52 -17.11 8.23
C ILE A 817 -16.33 -17.59 7.02
N ASN A 818 -16.45 -16.72 6.01
CA ASN A 818 -17.22 -17.00 4.81
C ASN A 818 -16.60 -18.15 4.02
N SER A 819 -15.27 -18.24 4.05
CA SER A 819 -14.55 -19.31 3.37
C SER A 819 -14.72 -20.63 4.11
N GLY A 820 -15.27 -20.57 5.33
CA GLY A 820 -15.73 -21.75 6.05
C GLY A 820 -14.89 -22.06 7.29
N PHE A 821 -14.04 -21.12 7.71
CA PHE A 821 -13.22 -21.30 8.90
C PHE A 821 -14.10 -21.07 10.13
N PRO A 822 -13.96 -21.90 11.19
CA PRO A 822 -14.81 -21.79 12.37
C PRO A 822 -14.53 -20.54 13.19
N GLU A 823 -15.54 -20.10 13.95
CA GLU A 823 -15.48 -18.88 14.73
C GLU A 823 -14.41 -19.00 15.83
N ASP A 824 -14.27 -20.20 16.40
CA ASP A 824 -13.54 -20.39 17.64
C ASP A 824 -12.03 -20.55 17.39
N CYS A 825 -11.59 -20.44 16.13
CA CYS A 825 -10.18 -20.43 15.81
C CYS A 825 -9.73 -19.02 15.42
N LEU A 826 -10.60 -18.04 15.70
CA LEU A 826 -10.33 -16.65 15.35
C LEU A 826 -10.72 -15.74 16.52
N LEU A 827 -10.71 -16.27 17.74
CA LEU A 827 -11.07 -15.50 18.92
C LEU A 827 -9.85 -14.75 19.43
N THR A 828 -10.08 -13.54 19.97
CA THR A 828 -9.03 -12.83 20.68
C THR A 828 -8.61 -13.70 21.87
N GLN A 829 -7.29 -13.80 22.09
CA GLN A 829 -6.74 -14.62 23.16
C GLN A 829 -5.72 -13.78 23.93
N VAL A 830 -5.97 -13.59 25.22
CA VAL A 830 -5.06 -12.85 26.07
C VAL A 830 -3.72 -13.59 26.08
N PHE A 831 -2.63 -12.83 26.15
CA PHE A 831 -1.30 -13.41 26.17
C PHE A 831 -0.39 -12.56 27.05
N THR A 832 0.65 -13.20 27.60
CA THR A 832 1.71 -12.52 28.31
C THR A 832 2.90 -12.41 27.37
N ASN A 833 3.62 -11.28 27.44
CA ASN A 833 4.76 -11.05 26.58
C ASN A 833 6.06 -11.29 27.36
N THR A 834 5.95 -11.72 28.63
CA THR A 834 7.11 -11.98 29.47
C THR A 834 7.20 -13.45 29.85
N GLY A 835 6.07 -14.03 30.29
CA GLY A 835 6.04 -15.39 30.81
C GLY A 835 5.89 -16.43 29.71
N PRO A 836 5.88 -17.74 30.04
CA PRO A 836 5.62 -18.80 29.07
C PRO A 836 4.27 -18.64 28.38
N ASP A 837 4.27 -18.71 27.04
CA ASP A 837 3.07 -18.58 26.25
C ASP A 837 3.26 -19.30 24.92
N ASN A 838 2.54 -20.42 24.73
CA ASN A 838 2.74 -21.27 23.58
C ASN A 838 1.94 -20.77 22.38
N ASN A 839 0.89 -19.98 22.64
CA ASN A 839 0.13 -19.36 21.57
C ASN A 839 1.01 -18.34 20.85
N LEU A 840 1.78 -17.56 21.62
CA LEU A 840 2.65 -16.55 21.05
C LEU A 840 3.83 -17.20 20.35
N ASP A 841 4.35 -18.30 20.92
CA ASP A 841 5.41 -19.10 20.32
C ASP A 841 5.04 -19.45 18.88
N VAL A 842 3.81 -19.94 18.68
CA VAL A 842 3.34 -20.38 17.38
C VAL A 842 3.23 -19.20 16.42
N VAL A 843 2.76 -18.05 16.92
CA VAL A 843 2.65 -16.85 16.12
C VAL A 843 4.02 -16.48 15.55
N ILE A 844 5.05 -16.53 16.41
CA ILE A 844 6.40 -16.19 15.99
C ILE A 844 6.86 -17.16 14.91
N SER A 845 6.57 -18.45 15.10
CA SER A 845 6.90 -19.47 14.10
C SER A 845 6.20 -19.15 12.77
N LEU A 846 4.92 -18.80 12.85
CA LEU A 846 4.12 -18.50 11.66
C LEU A 846 4.56 -17.17 11.04
N LEU A 847 5.04 -16.23 11.87
CA LEU A 847 5.55 -14.97 11.37
C LEU A 847 6.78 -15.22 10.51
N ALA A 848 7.64 -16.14 10.95
CA ALA A 848 8.85 -16.49 10.22
C ALA A 848 8.50 -16.97 8.81
N PHE A 849 7.40 -17.70 8.67
CA PHE A 849 6.92 -18.15 7.37
C PHE A 849 6.52 -16.94 6.53
N GLY A 850 5.74 -16.04 7.13
CA GLY A 850 5.15 -14.92 6.40
C GLY A 850 6.19 -13.99 5.77
N VAL A 851 7.24 -13.66 6.53
CA VAL A 851 8.18 -12.62 6.12
C VAL A 851 9.34 -13.23 5.34
N TYR A 852 9.41 -14.57 5.26
CA TYR A 852 10.44 -15.24 4.48
C TYR A 852 10.44 -14.67 3.05
N PRO A 853 11.62 -14.46 2.41
CA PRO A 853 12.93 -14.86 2.93
C PRO A 853 13.74 -13.80 3.68
N ASN A 854 13.07 -13.00 4.53
CA ASN A 854 13.76 -12.05 5.37
C ASN A 854 14.23 -12.72 6.66
N VAL A 855 15.46 -13.24 6.61
CA VAL A 855 16.15 -13.76 7.78
C VAL A 855 17.51 -13.06 7.86
N CYS A 856 18.06 -12.94 9.08
CA CYS A 856 19.37 -12.34 9.25
C CYS A 856 20.03 -12.86 10.52
N TYR A 857 21.34 -12.60 10.63
CA TYR A 857 22.18 -13.11 11.70
C TYR A 857 22.93 -11.95 12.34
N HIS A 858 22.82 -11.81 13.68
CA HIS A 858 23.45 -10.72 14.40
C HIS A 858 24.92 -11.05 14.67
N LYS A 859 25.80 -10.07 14.42
CA LYS A 859 27.22 -10.20 14.72
C LYS A 859 27.54 -9.41 15.98
N GLU A 860 27.49 -8.07 15.89
CA GLU A 860 27.67 -7.20 17.05
C GLU A 860 27.01 -5.86 16.77
N LYS A 861 26.73 -5.12 17.86
CA LYS A 861 26.04 -3.84 17.81
C LYS A 861 24.81 -3.96 16.91
N ARG A 862 24.81 -3.29 15.75
CA ARG A 862 23.66 -3.23 14.88
C ARG A 862 23.91 -4.03 13.59
N LYS A 863 25.09 -4.63 13.45
CA LYS A 863 25.47 -5.28 12.21
C LYS A 863 24.86 -6.68 12.15
N ILE A 864 24.20 -6.97 11.02
CA ILE A 864 23.57 -8.26 10.77
C ILE A 864 23.97 -8.73 9.37
N LEU A 865 23.97 -10.06 9.17
CA LEU A 865 24.23 -10.66 7.86
C LEU A 865 22.90 -11.06 7.23
N THR A 866 22.71 -10.69 5.95
CA THR A 866 21.49 -10.97 5.22
C THR A 866 21.59 -12.34 4.55
N THR A 867 20.50 -12.75 3.88
CA THR A 867 20.45 -13.99 3.13
C THR A 867 21.49 -13.97 2.00
N GLU A 868 21.65 -12.81 1.37
CA GLU A 868 22.57 -12.62 0.26
C GLU A 868 23.99 -13.01 0.69
N GLY A 869 24.35 -12.67 1.93
CA GLY A 869 25.71 -12.83 2.42
C GLY A 869 26.31 -11.49 2.84
N ARG A 870 25.74 -10.40 2.31
CA ARG A 870 26.17 -9.05 2.60
C ARG A 870 25.70 -8.67 4.00
N ASN A 871 26.35 -7.65 4.59
CA ASN A 871 26.03 -7.21 5.95
C ASN A 871 25.07 -6.01 5.89
N ALA A 872 24.40 -5.76 7.02
CA ALA A 872 23.28 -4.84 7.08
C ALA A 872 23.11 -4.31 8.51
N LEU A 873 22.22 -3.31 8.67
CA LEU A 873 22.02 -2.64 9.95
C LEU A 873 20.63 -2.97 10.51
N ILE A 874 20.55 -2.99 11.85
CA ILE A 874 19.28 -3.00 12.56
C ILE A 874 18.69 -1.59 12.49
N HIS A 875 17.42 -1.50 12.11
CA HIS A 875 16.76 -0.21 11.95
C HIS A 875 16.58 0.44 13.32
N LYS A 876 16.61 1.78 13.34
CA LYS A 876 16.59 2.56 14.57
C LYS A 876 15.26 2.36 15.30
N SER A 877 14.19 2.10 14.53
CA SER A 877 12.84 1.93 15.05
C SER A 877 12.73 0.70 15.96
N SER A 878 13.55 -0.32 15.71
CA SER A 878 13.39 -1.62 16.35
C SER A 878 13.60 -1.54 17.86
N VAL A 879 12.85 -2.39 18.58
CA VAL A 879 13.06 -2.59 20.00
C VAL A 879 14.38 -3.34 20.21
N ASN A 880 14.89 -3.96 19.14
CA ASN A 880 16.13 -4.71 19.19
C ASN A 880 17.32 -3.80 18.92
N CYS A 881 17.08 -2.56 18.50
CA CYS A 881 18.14 -1.60 18.29
C CYS A 881 18.67 -1.14 19.65
N PRO A 882 19.98 -1.24 19.93
CA PRO A 882 20.56 -0.75 21.19
C PRO A 882 20.23 0.71 21.43
N PHE A 883 19.66 1.00 22.61
CA PHE A 883 19.22 2.35 22.97
C PHE A 883 20.41 3.29 23.04
N SER A 884 21.57 2.78 23.48
CA SER A 884 22.76 3.60 23.63
C SER A 884 24.01 2.73 23.52
N SER A 885 24.80 2.65 24.60
CA SER A 885 26.08 1.95 24.59
C SER A 885 25.90 0.48 24.96
N GLN A 886 25.03 0.21 25.94
CA GLN A 886 24.81 -1.13 26.45
C GLN A 886 24.36 -2.04 25.31
N ASP A 887 25.21 -3.02 24.96
CA ASP A 887 24.92 -3.98 23.91
C ASP A 887 23.91 -5.00 24.46
N MET A 888 23.10 -5.56 23.55
CA MET A 888 22.01 -6.45 23.93
C MET A 888 22.49 -7.90 23.88
N LYS A 889 22.07 -8.68 24.88
CA LYS A 889 22.42 -10.09 25.00
C LYS A 889 21.30 -10.93 24.41
N TYR A 890 21.35 -11.16 23.10
CA TYR A 890 20.32 -11.94 22.40
C TYR A 890 20.52 -13.42 22.69
N PRO A 891 19.48 -14.15 23.18
CA PRO A 891 19.56 -15.60 23.34
C PRO A 891 19.77 -16.37 22.05
N SER A 892 19.38 -15.75 20.92
CA SER A 892 19.62 -16.27 19.58
C SER A 892 20.08 -15.13 18.67
N PRO A 893 20.99 -15.39 17.71
CA PRO A 893 21.40 -14.37 16.75
C PRO A 893 20.47 -14.21 15.55
N PHE A 894 19.48 -15.10 15.43
CA PHE A 894 18.62 -15.17 14.25
C PHE A 894 17.38 -14.29 14.44
N PHE A 895 17.08 -13.49 13.40
CA PHE A 895 15.90 -12.65 13.38
C PHE A 895 15.22 -12.74 12.01
N VAL A 896 13.89 -12.89 12.02
CA VAL A 896 13.08 -12.60 10.86
C VAL A 896 12.62 -11.15 10.97
N PHE A 897 12.24 -10.54 9.84
CA PHE A 897 11.88 -9.12 9.84
C PHE A 897 10.96 -8.80 8.66
N GLY A 898 10.32 -7.62 8.73
CA GLY A 898 9.26 -7.24 7.83
C GLY A 898 9.78 -6.81 6.46
N GLU A 899 10.59 -5.75 6.45
CA GLU A 899 11.13 -5.19 5.22
C GLU A 899 12.65 -5.23 5.24
N LYS A 900 13.25 -5.60 4.11
CA LYS A 900 14.66 -5.35 3.86
C LYS A 900 14.77 -4.09 3.00
N ILE A 901 15.22 -2.99 3.63
CA ILE A 901 15.16 -1.68 3.01
C ILE A 901 16.55 -1.28 2.51
N ARG A 902 16.59 -0.78 1.27
CA ARG A 902 17.79 -0.22 0.67
C ARG A 902 17.77 1.31 0.82
N THR A 903 18.81 1.85 1.45
CA THR A 903 19.03 3.29 1.52
C THR A 903 20.49 3.57 1.19
N ARG A 904 21.25 4.04 2.18
CA ARG A 904 22.70 4.15 2.08
C ARG A 904 23.32 2.81 2.42
N ALA A 905 22.66 2.06 3.32
CA ALA A 905 23.02 0.70 3.65
C ALA A 905 21.75 -0.16 3.66
N ILE A 906 21.93 -1.46 3.91
CA ILE A 906 20.83 -2.39 4.01
C ILE A 906 20.30 -2.36 5.44
N SER A 907 19.00 -2.05 5.58
CA SER A 907 18.35 -1.95 6.89
C SER A 907 17.29 -3.04 7.01
N ALA A 908 17.21 -3.64 8.21
CA ALA A 908 16.17 -4.59 8.55
C ALA A 908 15.19 -3.95 9.53
N LYS A 909 13.94 -3.76 9.07
CA LYS A 909 12.92 -3.07 9.85
C LYS A 909 11.84 -4.05 10.26
N GLY A 910 11.33 -3.87 11.50
CA GLY A 910 10.31 -4.74 12.05
C GLY A 910 10.86 -6.13 12.35
N MET A 911 11.70 -6.22 13.39
CA MET A 911 12.54 -7.38 13.61
C MET A 911 11.96 -8.21 14.76
N THR A 912 11.96 -9.54 14.58
CA THR A 912 11.53 -10.48 15.61
C THR A 912 12.55 -11.60 15.73
N LEU A 913 12.93 -11.91 16.97
CA LEU A 913 13.89 -12.96 17.27
C LEU A 913 13.22 -14.33 17.09
N VAL A 914 13.93 -15.25 16.43
CA VAL A 914 13.48 -16.62 16.30
C VAL A 914 14.63 -17.55 16.69
N THR A 915 14.28 -18.76 17.15
CA THR A 915 15.27 -19.76 17.53
C THR A 915 15.76 -20.47 16.26
N PRO A 916 16.86 -21.26 16.34
CA PRO A 916 17.35 -22.03 15.19
C PRO A 916 16.35 -23.06 14.67
N LEU A 917 15.51 -23.59 15.56
CA LEU A 917 14.52 -24.60 15.20
C LEU A 917 13.42 -23.99 14.33
N GLN A 918 13.05 -22.74 14.66
CA GLN A 918 12.05 -22.01 13.89
C GLN A 918 12.63 -21.62 12.53
N LEU A 919 13.95 -21.36 12.51
CA LEU A 919 14.65 -21.07 11.27
C LEU A 919 14.49 -22.23 10.29
N LEU A 920 14.82 -23.44 10.76
CA LEU A 920 14.74 -24.65 9.94
C LEU A 920 13.30 -24.93 9.52
N LEU A 921 12.35 -24.67 10.42
CA LEU A 921 10.97 -25.08 10.21
C LEU A 921 10.28 -24.19 9.18
N PHE A 922 10.34 -22.86 9.37
CA PHE A 922 9.52 -21.95 8.57
C PHE A 922 10.34 -20.85 7.88
N ALA A 923 11.62 -20.70 8.21
CA ALA A 923 12.39 -19.58 7.68
C ALA A 923 13.55 -20.08 6.81
N SER A 924 13.29 -21.14 6.02
CA SER A 924 14.29 -21.70 5.13
C SER A 924 13.62 -22.58 4.08
N LYS A 925 14.16 -22.54 2.85
CA LYS A 925 13.68 -23.36 1.75
C LYS A 925 14.58 -24.58 1.60
N LYS A 926 15.88 -24.34 1.40
CA LYS A 926 16.83 -25.39 1.08
C LYS A 926 17.79 -25.60 2.26
N VAL A 927 18.03 -26.87 2.60
CA VAL A 927 18.96 -27.24 3.66
C VAL A 927 19.74 -28.48 3.23
N GLN A 928 21.06 -28.45 3.45
CA GLN A 928 21.94 -29.54 3.09
C GLN A 928 22.73 -29.98 4.33
N SER A 929 22.81 -31.29 4.56
CA SER A 929 23.50 -31.84 5.72
C SER A 929 24.69 -32.68 5.26
N ASP A 930 25.82 -32.54 5.96
CA ASP A 930 27.01 -33.33 5.72
C ASP A 930 27.12 -34.46 6.75
N GLY A 931 26.31 -34.38 7.81
CA GLY A 931 26.36 -35.36 8.89
C GLY A 931 26.32 -34.70 10.27
N GLN A 932 27.12 -33.63 10.44
CA GLN A 932 27.17 -32.89 11.68
C GLN A 932 26.85 -31.41 11.45
N ILE A 933 27.15 -30.88 10.26
CA ILE A 933 26.90 -29.49 9.95
C ILE A 933 25.81 -29.41 8.88
N VAL A 934 24.90 -28.43 9.04
CA VAL A 934 23.82 -28.19 8.10
C VAL A 934 24.05 -26.83 7.45
N LEU A 935 23.66 -26.70 6.17
CA LEU A 935 23.77 -25.44 5.44
C LEU A 935 22.37 -24.97 5.06
N VAL A 936 21.99 -23.78 5.56
CA VAL A 936 20.66 -23.23 5.36
C VAL A 936 20.73 -22.18 4.26
N ASP A 937 20.10 -22.48 3.11
CA ASP A 937 19.99 -21.56 1.99
C ASP A 937 21.37 -20.96 1.64
N ASP A 938 22.41 -21.80 1.69
CA ASP A 938 23.75 -21.45 1.25
C ASP A 938 24.16 -20.07 1.79
N TRP A 939 23.93 -19.83 3.09
CA TRP A 939 24.31 -18.56 3.68
C TRP A 939 24.67 -18.69 5.16
N ILE A 940 24.07 -19.64 5.88
CA ILE A 940 24.40 -19.85 7.29
C ILE A 940 24.45 -21.35 7.58
N ARG A 941 25.34 -21.72 8.52
CA ARG A 941 25.57 -23.11 8.87
C ARG A 941 25.16 -23.33 10.33
N LEU A 942 24.64 -24.52 10.61
CA LEU A 942 24.22 -24.92 11.95
C LEU A 942 24.89 -26.23 12.33
N GLN A 943 25.25 -26.35 13.62
CA GLN A 943 25.73 -27.61 14.19
C GLN A 943 24.56 -28.29 14.90
N ILE A 944 23.91 -29.23 14.20
CA ILE A 944 22.70 -29.86 14.70
C ILE A 944 22.65 -31.31 14.19
N SER A 945 21.98 -32.16 14.96
CA SER A 945 21.71 -33.54 14.56
C SER A 945 21.13 -33.57 13.15
N HIS A 946 21.57 -34.55 12.35
CA HIS A 946 21.03 -34.73 11.01
C HIS A 946 19.57 -35.13 11.11
N GLU A 947 19.26 -36.05 12.04
CA GLU A 947 17.92 -36.60 12.19
C GLU A 947 16.95 -35.49 12.60
N ALA A 948 17.40 -34.61 13.50
CA ALA A 948 16.59 -33.51 13.97
C ALA A 948 16.23 -32.58 12.81
N ALA A 949 17.26 -32.18 12.04
CA ALA A 949 17.09 -31.24 10.93
C ALA A 949 16.14 -31.82 9.88
N ALA A 950 16.26 -33.13 9.62
CA ALA A 950 15.45 -33.80 8.62
C ALA A 950 14.02 -33.99 9.12
N CYS A 951 13.87 -34.19 10.43
CA CYS A 951 12.56 -34.35 11.04
C CYS A 951 11.80 -33.02 11.04
N ILE A 952 12.52 -31.92 11.35
CA ILE A 952 11.95 -30.60 11.35
C ILE A 952 11.55 -30.21 9.93
N THR A 953 12.37 -30.59 8.95
CA THR A 953 12.08 -30.31 7.55
C THR A 953 10.87 -31.12 7.09
N ALA A 954 10.68 -32.30 7.67
CA ALA A 954 9.55 -33.16 7.33
C ALA A 954 8.25 -32.60 7.92
N LEU A 955 8.34 -31.96 9.10
CA LEU A 955 7.19 -31.33 9.69
C LEU A 955 6.66 -30.24 8.76
N ARG A 956 7.58 -29.45 8.19
CA ARG A 956 7.21 -28.39 7.25
C ARG A 956 6.40 -28.98 6.10
N ALA A 957 6.86 -30.11 5.57
CA ALA A 957 6.19 -30.78 4.46
C ALA A 957 4.83 -31.31 4.90
N ALA A 958 4.75 -31.82 6.14
CA ALA A 958 3.51 -32.33 6.69
C ALA A 958 2.50 -31.20 6.85
N MET A 959 3.00 -30.04 7.29
CA MET A 959 2.15 -28.88 7.54
C MET A 959 1.59 -28.37 6.21
N GLU A 960 2.43 -28.30 5.18
CA GLU A 960 2.02 -27.90 3.84
C GLU A 960 0.90 -28.80 3.33
N ALA A 961 1.07 -30.11 3.54
CA ALA A 961 0.09 -31.09 3.08
C ALA A 961 -1.24 -30.86 3.77
N LEU A 962 -1.20 -30.49 5.05
CA LEU A 962 -2.42 -30.25 5.84
C LEU A 962 -3.09 -28.96 5.38
N VAL A 963 -2.28 -27.94 5.05
CA VAL A 963 -2.82 -26.66 4.59
C VAL A 963 -3.67 -26.91 3.35
N VAL A 964 -3.19 -27.79 2.46
CA VAL A 964 -3.92 -28.14 1.25
C VAL A 964 -5.23 -28.81 1.64
N GLU A 965 -5.15 -29.86 2.47
CA GLU A 965 -6.33 -30.60 2.91
C GLU A 965 -7.32 -29.66 3.59
N VAL A 966 -6.81 -28.71 4.39
CA VAL A 966 -7.66 -27.78 5.11
C VAL A 966 -8.38 -26.86 4.13
N THR A 967 -7.69 -26.41 3.08
CA THR A 967 -8.26 -25.44 2.15
C THR A 967 -9.31 -26.12 1.27
N LYS A 968 -9.23 -27.45 1.09
CA LYS A 968 -10.26 -28.19 0.42
C LYS A 968 -11.54 -28.19 1.25
N GLN A 969 -11.39 -28.31 2.58
CA GLN A 969 -12.51 -28.42 3.49
C GLN A 969 -12.14 -27.76 4.81
N PRO A 970 -12.28 -26.42 4.93
CA PRO A 970 -11.75 -25.67 6.08
C PRO A 970 -12.29 -26.02 7.46
N ASN A 971 -13.47 -26.64 7.53
CA ASN A 971 -14.13 -26.89 8.80
C ASN A 971 -13.52 -28.10 9.52
N ILE A 972 -12.52 -28.76 8.91
CA ILE A 972 -11.96 -29.98 9.48
C ILE A 972 -11.03 -29.65 10.65
N ILE A 973 -10.68 -28.38 10.84
CA ILE A 973 -9.79 -27.99 11.93
C ILE A 973 -10.55 -28.07 13.26
N SER A 974 -11.89 -28.12 13.20
CA SER A 974 -12.71 -28.33 14.38
C SER A 974 -12.34 -29.65 15.06
N GLN A 975 -12.30 -30.72 14.28
CA GLN A 975 -11.90 -32.03 14.78
C GLN A 975 -10.96 -32.69 13.78
N LEU A 976 -9.64 -32.56 14.03
CA LEU A 976 -8.62 -33.23 13.24
C LEU A 976 -8.36 -34.61 13.85
N ASP A 977 -7.95 -35.56 12.98
CA ASP A 977 -7.61 -36.90 13.43
C ASP A 977 -6.34 -36.83 14.28
N PRO A 978 -6.10 -37.82 15.16
CA PRO A 978 -4.95 -37.78 16.08
C PRO A 978 -3.60 -37.49 15.44
N VAL A 979 -3.35 -38.06 14.25
CA VAL A 979 -2.04 -38.02 13.63
C VAL A 979 -1.67 -36.58 13.24
N ASN A 980 -2.65 -35.79 12.79
CA ASN A 980 -2.41 -34.41 12.42
C ASN A 980 -2.20 -33.56 13.68
N GLU A 981 -2.99 -33.82 14.72
CA GLU A 981 -2.83 -33.14 16.01
C GLU A 981 -1.44 -33.41 16.57
N HIS A 982 -0.93 -34.64 16.38
CA HIS A 982 0.41 -35.00 16.83
C HIS A 982 1.46 -34.19 16.07
N MET A 983 1.21 -33.91 14.79
CA MET A 983 2.13 -33.13 13.97
C MET A 983 2.12 -31.67 14.42
N LEU A 984 0.91 -31.14 14.68
CA LEU A 984 0.74 -29.77 15.12
C LEU A 984 1.35 -29.59 16.51
N ASN A 985 1.12 -30.56 17.40
CA ASN A 985 1.63 -30.51 18.76
C ASN A 985 3.15 -30.48 18.75
N MET A 986 3.77 -31.19 17.81
CA MET A 986 5.21 -31.27 17.76
C MET A 986 5.77 -29.93 17.27
N ILE A 987 5.07 -29.30 16.33
CA ILE A 987 5.43 -27.96 15.87
C ILE A 987 5.27 -26.97 17.03
N ARG A 988 4.19 -27.13 17.82
CA ARG A 988 3.96 -26.32 18.99
C ARG A 988 5.15 -26.41 19.94
N GLN A 989 5.66 -27.63 20.16
CA GLN A 989 6.80 -27.87 21.05
C GLN A 989 8.06 -27.20 20.49
N ILE A 990 8.25 -27.32 19.17
CA ILE A 990 9.44 -26.81 18.51
C ILE A 990 9.43 -25.27 18.50
N SER A 991 8.24 -24.67 18.61
CA SER A 991 8.11 -23.22 18.58
C SER A 991 8.56 -22.59 19.90
N ARG A 992 8.69 -23.39 20.96
CA ARG A 992 9.00 -22.89 22.29
C ARG A 992 10.46 -22.45 22.35
N PRO A 993 10.79 -21.35 23.10
CA PRO A 993 12.18 -21.00 23.36
C PRO A 993 12.97 -22.10 24.05
N SER A 994 12.31 -22.81 24.98
CA SER A 994 12.96 -23.84 25.78
C SER A 994 13.36 -25.04 24.92
N ALA A 995 12.71 -25.21 23.76
CA ALA A 995 13.05 -26.27 22.82
C ALA A 995 14.50 -26.14 22.37
N ALA A 996 14.99 -24.90 22.23
CA ALA A 996 16.36 -24.63 21.84
C ALA A 996 17.19 -24.18 23.04
N GLY A 997 16.77 -24.59 24.25
CA GLY A 997 17.51 -24.33 25.48
C GLY A 997 17.63 -22.83 25.79
N ILE A 998 16.57 -22.07 25.49
CA ILE A 998 16.52 -20.65 25.79
C ILE A 998 15.47 -20.43 26.88
N ASN A 999 15.77 -19.51 27.81
CA ASN A 999 14.82 -19.08 28.82
C ASN A 999 14.84 -17.55 28.86
N LEU A 1000 13.75 -16.95 28.35
CA LEU A 1000 13.67 -15.51 28.17
C LEU A 1000 13.48 -14.80 29.51
N MET A 1001 13.10 -15.56 30.55
CA MET A 1001 12.89 -15.02 31.88
C MET A 1001 14.21 -14.53 32.47
N ILE A 1002 15.23 -15.40 32.47
CA ILE A 1002 16.55 -15.04 32.94
C ILE A 1002 17.28 -14.31 31.82
N ASP A 1003 17.38 -12.98 31.95
CA ASP A 1003 18.02 -12.14 30.95
C ASP A 1003 19.54 -12.35 31.00
N TYR A 1004 20.02 -13.26 30.16
CA TYR A 1004 21.44 -13.57 30.07
C TYR A 1004 21.79 -13.94 28.62
PB ADP B . -9.44 17.97 -11.93
O1B ADP B . -10.09 18.24 -13.26
O2B ADP B . -7.99 18.38 -11.90
O3B ADP B . -9.64 16.54 -11.48
PA ADP B . -10.91 18.64 -9.46
O1A ADP B . -12.30 18.16 -9.71
O2A ADP B . -10.02 17.76 -8.64
O3A ADP B . -10.18 18.92 -10.85
O5' ADP B . -10.94 20.11 -8.80
C5' ADP B . -11.86 21.11 -9.31
C4' ADP B . -11.88 22.31 -8.39
O4' ADP B . -12.32 21.90 -7.07
C3' ADP B . -10.54 23.02 -8.19
O3' ADP B . -10.69 24.44 -8.20
C2' ADP B . -10.09 22.53 -6.80
O2' ADP B . -9.23 23.45 -6.16
C1' ADP B . -11.44 22.44 -6.10
N9 ADP B . -11.43 21.57 -4.93
C8 ADP B . -11.41 20.20 -4.92
N7 ADP B . -11.38 19.69 -3.70
C5 ADP B . -11.40 20.80 -2.87
C6 ADP B . -11.39 20.92 -1.46
N6 ADP B . -11.37 19.89 -0.63
N1 ADP B . -11.41 22.18 -0.95
C2 ADP B . -11.43 23.21 -1.79
N3 ADP B . -11.45 23.22 -3.12
C4 ADP B . -11.42 21.97 -3.61
MG MG C . -8.82 14.72 -11.42
S SO4 D . -6.72 -1.12 -3.01
O1 SO4 D . -6.29 -0.74 -4.33
O2 SO4 D . -6.08 -2.36 -2.63
O3 SO4 D . -6.35 -0.08 -2.08
O4 SO4 D . -8.14 -1.30 -2.99
S SO4 E . 9.21 -21.80 27.46
O1 SO4 E . 10.30 -21.19 26.74
O2 SO4 E . 8.94 -23.10 26.91
O3 SO4 E . 9.56 -21.92 28.84
O4 SO4 E . 8.04 -20.97 27.34
S SO4 F . -0.20 5.90 -7.22
O1 SO4 F . -0.58 6.80 -8.28
O2 SO4 F . -0.01 4.58 -7.76
O3 SO4 F . 1.02 6.36 -6.61
O4 SO4 F . -1.24 5.86 -6.24
S SO4 G . 3.93 9.01 1.31
O1 SO4 G . 3.47 9.15 -0.05
O2 SO4 G . 4.14 7.62 1.59
O3 SO4 G . 2.93 9.53 2.21
O4 SO4 G . 5.15 9.74 1.48
S SO4 H . 9.15 -21.64 3.56
O1 SO4 H . 10.15 -22.43 2.92
O2 SO4 H . 8.12 -21.32 2.61
O3 SO4 H . 9.73 -20.43 4.06
O4 SO4 H . 8.57 -22.39 4.65
S SO4 I . -1.74 19.13 -16.31
O1 SO4 I . -1.72 20.50 -16.78
O2 SO4 I . -1.10 18.28 -17.27
O3 SO4 I . -1.04 19.06 -15.05
O4 SO4 I . -3.10 18.72 -16.13
S SO4 J . 18.17 9.21 17.83
O1 SO4 J . 19.42 9.93 17.77
O2 SO4 J . 17.81 8.79 16.51
O3 SO4 J . 17.15 10.05 18.38
O4 SO4 J . 18.35 8.05 18.68
S SO4 K . -5.33 -6.39 -7.15
O1 SO4 K . -5.44 -5.36 -8.16
O2 SO4 K . -4.99 -7.64 -7.78
O3 SO4 K . -4.32 -6.03 -6.21
O4 SO4 K . -6.60 -6.53 -6.48
C1 EDO L . 11.10 -16.85 20.59
O1 EDO L . 10.26 -15.80 21.02
C2 EDO L . 10.39 -17.85 19.75
O2 EDO L . 9.06 -18.11 20.19
C1 EDO M . -15.37 0.43 8.13
O1 EDO M . -14.45 1.42 8.53
C2 EDO M . -16.63 0.98 7.57
O2 EDO M . -17.05 0.31 6.39
C1 EDO N . 18.04 10.93 -6.90
O1 EDO N . 18.06 11.14 -5.50
C2 EDO N . 18.93 11.86 -7.65
O2 EDO N . 20.04 11.20 -8.24
C1 EDO O . -2.37 -15.15 21.37
O1 EDO O . -2.62 -16.04 20.29
C2 EDO O . -1.85 -13.84 20.95
O2 EDO O . -2.86 -12.84 20.79
C1 EDO P . 3.72 -17.18 -19.98
O1 EDO P . 2.72 -17.16 -18.99
C2 EDO P . 5.06 -17.54 -19.45
O2 EDO P . 5.04 -18.70 -18.63
#